data_3TQP
#
_entry.id   3TQP
#
_cell.length_a   64.807
_cell.length_b   95.523
_cell.length_c   160.743
_cell.angle_alpha   90.000
_cell.angle_beta   90.000
_cell.angle_gamma   90.000
#
_symmetry.space_group_name_H-M   'P 21 21 21'
#
loop_
_entity.id
_entity.type
_entity.pdbx_description
1 polymer Enolase
2 non-polymer 'PHOSPHATE ION'
3 non-polymer 'MAGNESIUM ION'
4 water water
#
_entity_poly.entity_id   1
_entity_poly.type   'polypeptide(L)'
_entity_poly.pdbx_seq_one_letter_code
;(MSE)TATITDINAHEILDSRANPTLEVRVTLSSQAYGCAAVPSGASTGEREAVELRDNDLERYGGKGVLQAVENVNGPI
RDALLGQDPRSQEEIDRI(MSE)IELDGTENKANLGANAILGVSLAVAYAAANNADLPLYRYLGGDGGPFS(MSE)PVP
(MSE)(MSE)NIINGGAHATNNLDFQEF(MSE)IVPVGAPTFAEALRYGAEVFHALKKRLVSRGL(MSE)SAVGDEGGFA
PDLPNNEAAFELILEAIEDANYVPGKDIYLALDAASSELYQNGRYDFENNQLTSEE(MSE)IDRLTEWTKKYPVISIEDG
LSENDWAGWKLLTERLENKVQLVGDDIFVTNPDILEKGIKKNIANAILVKLNQIGTLTETLATVGLAKSNKYGVIISHRS
GETEDTTIADLAVATDARQIKTGSLCRSDRVAKYNRLLQIERELNDQAPYAGKEAFLFNRK
;
_entity_poly.pdbx_strand_id   A,B
#
# COMPACT_ATOMS: atom_id res chain seq x y z
N THR A 2 6.47 33.94 13.40
CA THR A 2 6.37 33.22 12.13
C THR A 2 7.50 32.20 11.98
N ALA A 3 7.14 30.93 12.02
CA ALA A 3 8.13 29.85 12.03
C ALA A 3 8.93 29.76 10.73
N THR A 4 10.20 29.39 10.84
CA THR A 4 11.06 29.18 9.68
C THR A 4 11.67 27.79 9.73
N ILE A 5 12.16 27.33 8.59
CA ILE A 5 12.79 26.02 8.49
C ILE A 5 14.08 25.95 9.32
N THR A 6 14.13 24.99 10.23
CA THR A 6 15.30 24.77 11.06
C THR A 6 15.99 23.44 10.75
N ASP A 7 15.35 22.62 9.92
CA ASP A 7 15.96 21.34 9.57
C ASP A 7 15.25 20.61 8.44
N ILE A 8 16.04 19.94 7.61
CA ILE A 8 15.54 19.06 6.56
C ILE A 8 16.35 17.79 6.62
N ASN A 9 15.66 16.65 6.61
CA ASN A 9 16.33 15.37 6.69
C ASN A 9 15.62 14.33 5.86
N ALA A 10 16.35 13.70 4.96
CA ALA A 10 15.81 12.65 4.13
C ALA A 10 16.43 11.31 4.50
N HIS A 11 15.74 10.22 4.16
CA HIS A 11 16.32 8.88 4.22
C HIS A 11 15.73 7.98 3.13
N GLU A 12 16.39 6.86 2.90
CA GLU A 12 16.03 5.95 1.83
C GLU A 12 15.01 4.90 2.29
N ILE A 13 13.85 4.90 1.66
CA ILE A 13 12.82 3.90 1.96
C ILE A 13 12.56 3.07 0.71
N LEU A 14 11.50 2.28 0.75
CA LEU A 14 11.17 1.40 -0.36
C LEU A 14 9.81 1.80 -0.94
N ASP A 15 9.68 1.71 -2.26
CA ASP A 15 8.41 1.97 -2.91
C ASP A 15 7.62 0.69 -3.10
N SER A 16 6.43 0.80 -3.68
CA SER A 16 5.50 -0.32 -3.75
C SER A 16 5.96 -1.41 -4.72
N ARG A 17 7.03 -1.13 -5.46
CA ARG A 17 7.62 -2.14 -6.34
C ARG A 17 8.96 -2.62 -5.81
N ALA A 18 9.25 -2.31 -4.54
CA ALA A 18 10.47 -2.79 -3.91
C ALA A 18 11.72 -2.13 -4.48
N ASN A 19 11.58 -0.91 -5.01
CA ASN A 19 12.71 -0.08 -5.39
C ASN A 19 12.87 1.08 -4.42
N PRO A 20 14.11 1.48 -4.14
CA PRO A 20 14.33 2.59 -3.20
C PRO A 20 13.73 3.91 -3.69
N THR A 21 13.26 4.71 -2.74
CA THR A 21 12.93 6.10 -3.00
C THR A 21 13.22 6.89 -1.73
N LEU A 22 12.86 8.17 -1.67
CA LEU A 22 13.16 8.95 -0.47
C LEU A 22 11.91 9.40 0.24
N GLU A 23 12.08 9.63 1.54
CA GLU A 23 11.07 10.28 2.36
C GLU A 23 11.80 11.44 3.04
N VAL A 24 11.13 12.57 3.17
CA VAL A 24 11.75 13.79 3.67
C VAL A 24 10.93 14.41 4.78
N ARG A 25 11.61 14.85 5.84
CA ARG A 25 10.96 15.59 6.91
C ARG A 25 11.51 17.02 6.96
N VAL A 26 10.61 17.99 6.95
CA VAL A 26 10.98 19.38 7.13
C VAL A 26 10.54 19.80 8.51
N THR A 27 11.47 20.32 9.30
CA THR A 27 11.20 20.73 10.67
C THR A 27 11.25 22.25 10.79
N LEU A 28 10.35 22.82 11.59
CA LEU A 28 10.27 24.27 11.75
C LEU A 28 10.72 24.71 13.13
N SER A 29 10.95 26.01 13.29
CA SER A 29 11.37 26.56 14.57
C SER A 29 10.28 26.42 15.64
N SER A 30 9.03 26.27 15.20
CA SER A 30 7.91 26.04 16.11
C SER A 30 7.92 24.59 16.61
N GLN A 31 8.79 23.79 16.00
CA GLN A 31 8.87 22.34 16.24
C GLN A 31 7.79 21.56 15.50
N ALA A 32 6.96 22.27 14.74
CA ALA A 32 6.08 21.60 13.80
C ALA A 32 6.95 21.00 12.69
N TYR A 33 6.44 19.97 12.03
CA TYR A 33 7.18 19.35 10.94
C TYR A 33 6.23 18.74 9.92
N GLY A 34 6.75 18.54 8.71
CA GLY A 34 5.98 17.89 7.66
C GLY A 34 6.83 16.83 6.99
N CYS A 35 6.17 15.78 6.50
CA CYS A 35 6.84 14.67 5.83
C CYS A 35 6.19 14.36 4.49
N ALA A 36 6.97 13.86 3.55
CA ALA A 36 6.45 13.46 2.25
C ALA A 36 7.38 12.44 1.65
N ALA A 37 6.84 11.58 0.79
CA ALA A 37 7.64 10.59 0.11
C ALA A 37 7.47 10.74 -1.40
N VAL A 38 8.42 10.21 -2.16
CA VAL A 38 8.46 10.45 -3.60
C VAL A 38 8.17 9.16 -4.37
N PRO A 39 7.25 9.22 -5.34
CA PRO A 39 6.93 8.05 -6.16
C PRO A 39 7.90 7.92 -7.33
N SER A 40 7.71 6.90 -8.15
CA SER A 40 8.59 6.63 -9.28
C SER A 40 7.86 5.88 -10.40
N GLY A 41 7.98 6.37 -11.63
CA GLY A 41 7.28 5.79 -12.75
C GLY A 41 8.03 4.64 -13.38
N ALA A 42 7.40 3.96 -14.34
CA ALA A 42 8.03 2.87 -15.08
C ALA A 42 8.09 3.18 -16.57
N GLU A 46 10.02 10.92 -21.48
CA GLU A 46 11.18 11.27 -22.31
C GLU A 46 11.72 12.65 -21.96
N ARG A 47 10.81 13.61 -21.86
CA ARG A 47 11.14 14.98 -21.50
C ARG A 47 10.96 15.22 -19.99
N GLU A 48 10.82 14.15 -19.21
CA GLU A 48 10.50 14.33 -17.81
C GLU A 48 11.74 14.63 -16.95
N ALA A 49 11.54 15.32 -15.83
CA ALA A 49 12.65 15.70 -14.95
C ALA A 49 13.39 14.45 -14.47
N VAL A 50 14.68 14.63 -14.20
CA VAL A 50 15.58 13.51 -13.93
C VAL A 50 15.53 12.99 -12.50
N GLU A 51 15.01 11.79 -12.35
CA GLU A 51 15.08 11.08 -11.07
C GLU A 51 16.50 10.55 -10.89
N LEU A 52 17.16 10.98 -9.81
CA LEU A 52 18.55 10.63 -9.57
C LEU A 52 18.73 9.29 -8.84
N ARG A 53 19.42 8.35 -9.47
CA ARG A 53 19.74 7.05 -8.89
C ARG A 53 21.23 6.91 -8.68
N ASP A 54 21.65 5.94 -7.88
CA ASP A 54 23.07 5.79 -7.55
C ASP A 54 23.86 5.01 -8.60
N ASN A 55 23.21 4.07 -9.27
CA ASN A 55 23.87 3.22 -10.25
C ASN A 55 24.97 2.34 -9.67
N ASP A 56 24.90 2.08 -8.37
CA ASP A 56 25.79 1.14 -7.72
C ASP A 56 25.23 -0.27 -7.90
N LEU A 57 25.77 -0.99 -8.88
CA LEU A 57 25.27 -2.30 -9.28
C LEU A 57 25.21 -3.33 -8.15
N GLU A 58 25.96 -3.09 -7.08
CA GLU A 58 26.00 -4.04 -5.98
C GLU A 58 25.04 -3.64 -4.88
N ARG A 59 24.17 -2.68 -5.16
CA ARG A 59 23.18 -2.23 -4.20
C ARG A 59 21.83 -1.97 -4.88
N TYR A 60 20.81 -2.74 -4.51
CA TYR A 60 19.48 -2.56 -5.08
C TYR A 60 19.53 -2.50 -6.62
N GLY A 61 20.45 -3.25 -7.20
CA GLY A 61 20.60 -3.31 -8.65
C GLY A 61 20.86 -1.94 -9.27
N GLY A 62 21.53 -1.08 -8.52
CA GLY A 62 21.85 0.26 -9.00
C GLY A 62 20.77 1.30 -8.75
N LYS A 63 19.69 0.90 -8.08
CA LYS A 63 18.54 1.79 -7.90
C LYS A 63 18.52 2.52 -6.57
N GLY A 64 19.63 2.48 -5.84
CA GLY A 64 19.70 3.22 -4.58
C GLY A 64 19.47 4.71 -4.82
N VAL A 65 19.08 5.43 -3.77
CA VAL A 65 18.94 6.87 -3.84
C VAL A 65 19.69 7.58 -2.71
N LEU A 66 20.84 7.02 -2.36
CA LEU A 66 21.70 7.61 -1.33
C LEU A 66 22.20 9.00 -1.74
N GLN A 67 22.49 9.18 -3.03
CA GLN A 67 23.00 10.47 -3.48
C GLN A 67 21.92 11.54 -3.38
N ALA A 68 20.70 11.20 -3.82
CA ALA A 68 19.59 12.12 -3.71
C ALA A 68 19.33 12.47 -2.24
N VAL A 69 19.47 11.49 -1.38
CA VAL A 69 19.31 11.69 0.07
C VAL A 69 20.39 12.65 0.60
N GLU A 70 21.61 12.50 0.14
CA GLU A 70 22.71 13.39 0.50
C GLU A 70 22.49 14.80 -0.02
N ASN A 71 21.94 14.92 -1.23
CA ASN A 71 21.64 16.23 -1.79
C ASN A 71 20.64 17.00 -0.94
N VAL A 72 19.65 16.28 -0.44
CA VAL A 72 18.67 16.87 0.46
C VAL A 72 19.32 17.32 1.78
N ASN A 73 20.04 16.40 2.42
CA ASN A 73 20.62 16.64 3.74
C ASN A 73 21.77 17.64 3.74
N GLY A 74 22.36 17.88 2.57
CA GLY A 74 23.49 18.79 2.48
C GLY A 74 23.11 20.12 1.88
N PRO A 75 23.38 20.28 0.57
CA PRO A 75 23.20 21.54 -0.16
C PRO A 75 21.77 22.06 -0.14
N ILE A 76 20.78 21.20 -0.30
CA ILE A 76 19.38 21.68 -0.28
C ILE A 76 19.01 22.23 1.10
N ARG A 77 19.27 21.44 2.14
CA ARG A 77 19.07 21.88 3.52
C ARG A 77 19.76 23.22 3.77
N ASP A 78 21.02 23.31 3.35
CA ASP A 78 21.80 24.54 3.54
C ASP A 78 21.09 25.73 2.89
N ALA A 79 20.62 25.54 1.68
CA ALA A 79 20.03 26.63 0.91
C ALA A 79 18.71 27.09 1.52
N LEU A 80 18.04 26.21 2.25
CA LEU A 80 16.67 26.48 2.68
C LEU A 80 16.51 26.84 4.15
N LEU A 81 17.57 26.69 4.92
CA LEU A 81 17.55 27.05 6.34
C LEU A 81 17.08 28.49 6.54
N GLY A 82 16.07 28.68 7.37
CA GLY A 82 15.61 30.01 7.72
C GLY A 82 14.55 30.57 6.78
N GLN A 83 14.14 29.77 5.81
CA GLN A 83 13.09 30.20 4.88
C GLN A 83 11.72 29.97 5.51
N ASP A 84 10.76 30.82 5.16
CA ASP A 84 9.38 30.65 5.59
C ASP A 84 8.74 29.59 4.69
N PRO A 85 8.31 28.46 5.28
CA PRO A 85 7.78 27.34 4.50
C PRO A 85 6.50 27.71 3.75
N ARG A 86 5.84 28.78 4.17
CA ARG A 86 4.64 29.22 3.49
C ARG A 86 4.97 29.81 2.11
N SER A 87 6.19 30.29 1.95
CA SER A 87 6.65 30.86 0.68
C SER A 87 7.07 29.77 -0.31
N GLN A 88 6.11 29.01 -0.79
CA GLN A 88 6.36 27.83 -1.63
C GLN A 88 7.09 28.17 -2.92
N GLU A 89 6.62 29.22 -3.59
CA GLU A 89 7.24 29.66 -4.85
C GLU A 89 8.74 29.94 -4.66
N GLU A 90 9.06 30.78 -3.69
CA GLU A 90 10.46 31.13 -3.42
C GLU A 90 11.31 29.90 -3.12
N ILE A 91 10.76 29.02 -2.29
CA ILE A 91 11.48 27.80 -1.90
C ILE A 91 11.75 26.90 -3.11
N ASP A 92 10.73 26.73 -3.95
CA ASP A 92 10.93 25.97 -5.17
C ASP A 92 11.90 26.70 -6.11
N ARG A 93 11.77 28.02 -6.22
CA ARG A 93 12.71 28.77 -7.05
C ARG A 93 14.15 28.59 -6.59
N ILE A 94 14.38 28.63 -5.28
CA ILE A 94 15.73 28.48 -4.73
C ILE A 94 16.34 27.15 -5.18
N ILE A 96 15.38 25.15 -7.72
CA ILE A 96 15.52 25.15 -9.18
C ILE A 96 16.81 25.89 -9.56
N GLU A 97 17.03 27.04 -8.94
CA GLU A 97 18.24 27.82 -9.17
C GLU A 97 19.50 27.08 -8.69
N LEU A 98 19.44 26.49 -7.49
CA LEU A 98 20.57 25.74 -6.94
C LEU A 98 20.97 24.59 -7.86
N ASP A 99 19.98 23.87 -8.38
CA ASP A 99 20.24 22.76 -9.30
C ASP A 99 20.85 23.31 -10.58
N GLY A 100 20.28 24.40 -11.08
CA GLY A 100 20.82 25.12 -12.22
C GLY A 100 20.65 24.43 -13.56
N THR A 101 19.91 23.33 -13.55
CA THR A 101 19.70 22.54 -14.76
C THR A 101 18.25 22.55 -15.19
N GLU A 102 18.03 22.60 -16.49
CA GLU A 102 16.68 22.52 -17.05
C GLU A 102 16.01 21.23 -16.59
N ASN A 103 16.85 20.23 -16.32
CA ASN A 103 16.41 18.87 -16.11
C ASN A 103 16.26 18.47 -14.64
N LYS A 104 16.82 19.28 -13.75
CA LYS A 104 16.96 18.89 -12.34
C LYS A 104 17.84 17.66 -12.26
N ALA A 105 18.73 17.51 -13.24
CA ALA A 105 19.61 16.35 -13.34
C ALA A 105 20.77 16.42 -12.35
N ASN A 106 20.99 17.60 -11.78
CA ASN A 106 22.10 17.80 -10.84
C ASN A 106 21.76 17.33 -9.42
N LEU A 107 20.78 17.97 -8.79
CA LEU A 107 20.35 17.55 -7.45
C LEU A 107 19.41 16.35 -7.49
N GLY A 108 18.62 16.25 -8.56
CA GLY A 108 17.64 15.18 -8.70
C GLY A 108 16.24 15.71 -8.49
N ALA A 109 15.35 15.40 -9.43
CA ALA A 109 13.95 15.78 -9.31
C ALA A 109 13.30 15.10 -8.10
N ASN A 110 13.80 13.90 -7.76
CA ASN A 110 13.31 13.21 -6.56
C ASN A 110 13.70 13.90 -5.25
N ALA A 111 14.94 14.35 -5.14
CA ALA A 111 15.36 15.12 -3.97
C ALA A 111 14.57 16.43 -3.87
N ILE A 112 14.48 17.14 -4.99
CA ILE A 112 13.79 18.43 -5.04
C ILE A 112 12.29 18.30 -4.71
N LEU A 113 11.61 17.34 -5.31
CA LEU A 113 10.17 17.16 -5.07
C LEU A 113 9.87 16.78 -3.63
N GLY A 114 10.69 15.88 -3.08
CA GLY A 114 10.50 15.45 -1.71
C GLY A 114 10.56 16.60 -0.72
N VAL A 115 11.51 17.51 -0.94
CA VAL A 115 11.59 18.71 -0.11
C VAL A 115 10.42 19.63 -0.40
N SER A 116 10.11 19.81 -1.68
CA SER A 116 9.04 20.71 -2.08
C SER A 116 7.71 20.35 -1.42
N LEU A 117 7.42 19.05 -1.35
CA LEU A 117 6.19 18.57 -0.73
C LEU A 117 6.23 18.64 0.79
N ALA A 118 7.36 18.26 1.37
CA ALA A 118 7.49 18.25 2.82
C ALA A 118 7.36 19.66 3.38
N VAL A 119 7.87 20.63 2.62
CA VAL A 119 7.75 22.03 3.02
C VAL A 119 6.27 22.40 3.14
N ALA A 120 5.48 22.02 2.14
CA ALA A 120 4.04 22.28 2.13
C ALA A 120 3.33 21.65 3.33
N TYR A 121 3.70 20.41 3.66
CA TYR A 121 3.11 19.71 4.80
C TYR A 121 3.52 20.37 6.12
N ALA A 122 4.78 20.79 6.21
CA ALA A 122 5.25 21.50 7.39
C ALA A 122 4.43 22.76 7.64
N ALA A 123 4.25 23.56 6.59
CA ALA A 123 3.45 24.79 6.70
C ALA A 123 2.02 24.47 7.11
N ALA A 124 1.43 23.48 6.44
CA ALA A 124 0.09 23.03 6.77
C ALA A 124 -0.03 22.62 8.23
N ASN A 125 0.88 21.76 8.68
CA ASN A 125 0.87 21.30 10.05
C ASN A 125 1.11 22.43 11.06
N ASN A 126 1.89 23.44 10.68
CA ASN A 126 2.13 24.59 11.56
C ASN A 126 0.86 25.41 11.74
N ALA A 127 0.06 25.49 10.69
CA ALA A 127 -1.22 26.18 10.75
C ALA A 127 -2.33 25.28 11.30
N ASP A 128 -1.98 24.03 11.58
CA ASP A 128 -2.95 23.06 12.10
C ASP A 128 -4.09 22.81 11.10
N LEU A 129 -3.71 22.68 9.83
CA LEU A 129 -4.68 22.47 8.76
C LEU A 129 -4.33 21.22 7.97
N PRO A 130 -5.33 20.51 7.45
CA PRO A 130 -5.05 19.43 6.52
C PRO A 130 -4.48 20.02 5.23
N LEU A 131 -3.71 19.25 4.48
CA LEU A 131 -3.05 19.80 3.30
C LEU A 131 -4.04 20.39 2.29
N TYR A 132 -5.18 19.73 2.08
CA TYR A 132 -6.14 20.21 1.09
C TYR A 132 -6.67 21.60 1.47
N ARG A 133 -6.77 21.86 2.77
CA ARG A 133 -7.21 23.16 3.27
C ARG A 133 -6.10 24.19 3.15
N TYR A 134 -4.88 23.77 3.48
CA TYR A 134 -3.74 24.67 3.36
C TYR A 134 -3.51 25.08 1.91
N LEU A 135 -3.63 24.14 0.98
CA LEU A 135 -3.37 24.41 -0.43
C LEU A 135 -4.52 25.15 -1.11
N GLY A 136 -5.74 24.77 -0.77
CA GLY A 136 -6.92 25.32 -1.41
C GLY A 136 -7.42 26.58 -0.74
N GLY A 137 -6.85 26.88 0.42
CA GLY A 137 -7.26 28.05 1.17
C GLY A 137 -8.58 27.85 1.87
N ASP A 138 -8.84 28.69 2.86
CA ASP A 138 -10.02 28.60 3.71
C ASP A 138 -11.32 28.34 2.96
N GLY A 139 -11.62 29.17 1.95
CA GLY A 139 -12.91 29.10 1.28
C GLY A 139 -13.01 28.08 0.16
N GLY A 140 -11.87 27.65 -0.36
CA GLY A 140 -11.84 26.68 -1.46
C GLY A 140 -12.07 27.34 -2.82
N PRO A 141 -13.00 26.84 -3.67
CA PRO A 141 -13.96 25.73 -3.65
C PRO A 141 -13.30 24.35 -3.75
N PHE A 142 -13.91 23.37 -3.08
CA PHE A 142 -13.44 21.99 -3.11
C PHE A 142 -14.42 21.11 -3.86
N SER A 143 -13.92 20.01 -4.40
CA SER A 143 -14.78 18.97 -4.96
C SER A 143 -14.11 17.61 -4.79
N PRO A 145 -12.94 14.37 -6.58
CA PRO A 145 -12.68 14.05 -7.99
C PRO A 145 -13.27 12.70 -8.40
N VAL A 146 -13.61 12.57 -9.68
CA VAL A 146 -14.04 11.28 -10.21
C VAL A 146 -12.80 10.43 -10.43
N PRO A 147 -12.75 9.26 -9.79
CA PRO A 147 -11.56 8.41 -9.97
C PRO A 147 -11.64 7.56 -11.26
N ASN A 150 -7.81 1.72 -12.82
CA ASN A 150 -7.18 0.73 -13.67
C ASN A 150 -7.49 -0.67 -13.17
N ILE A 151 -8.36 -1.38 -13.88
CA ILE A 151 -8.87 -2.67 -13.44
C ILE A 151 -8.29 -3.84 -14.24
N ILE A 152 -7.89 -3.58 -15.48
CA ILE A 152 -7.17 -4.58 -16.25
C ILE A 152 -5.91 -3.94 -16.84
N ASN A 153 -4.76 -4.54 -16.56
CA ASN A 153 -3.48 -4.00 -17.01
C ASN A 153 -2.96 -4.70 -18.27
N GLY A 154 -2.10 -4.00 -19.01
CA GLY A 154 -1.50 -4.55 -20.22
C GLY A 154 -0.19 -3.86 -20.54
N GLY A 155 0.31 -4.07 -21.76
CA GLY A 155 1.57 -3.47 -22.19
C GLY A 155 2.74 -3.83 -21.30
N ASN A 160 2.04 -8.86 -21.50
CA ASN A 160 1.41 -10.15 -21.22
C ASN A 160 0.15 -10.35 -22.04
N ASN A 161 0.27 -10.10 -23.33
CA ASN A 161 -0.80 -10.27 -24.33
C ASN A 161 -1.40 -8.97 -24.84
N LEU A 162 -1.79 -8.08 -23.92
CA LEU A 162 -2.50 -6.87 -24.30
C LEU A 162 -1.57 -5.71 -24.66
N ASP A 163 -1.89 -5.05 -25.77
CA ASP A 163 -1.12 -3.91 -26.27
C ASP A 163 -1.28 -2.68 -25.37
N PHE A 164 -2.52 -2.31 -25.11
CA PHE A 164 -2.81 -1.14 -24.30
C PHE A 164 -2.41 -1.37 -22.86
N GLN A 165 -2.10 -0.28 -22.17
CA GLN A 165 -1.54 -0.38 -20.84
C GLN A 165 -2.59 -0.43 -19.73
N GLU A 166 -3.61 0.41 -19.82
CA GLU A 166 -4.57 0.55 -18.73
C GLU A 166 -6.03 0.55 -19.23
N PHE A 167 -6.81 -0.40 -18.72
CA PHE A 167 -8.25 -0.43 -19.00
C PHE A 167 -8.96 -0.13 -17.70
N ILE A 169 -12.31 1.70 -15.25
CA ILE A 169 -13.69 2.11 -15.09
C ILE A 169 -13.68 3.48 -14.46
N VAL A 170 -14.77 4.21 -14.68
CA VAL A 170 -14.89 5.59 -14.22
C VAL A 170 -16.34 5.75 -13.76
N PRO A 171 -16.58 5.71 -12.43
CA PRO A 171 -17.94 5.75 -11.89
C PRO A 171 -18.50 7.18 -11.84
N VAL A 172 -18.69 7.76 -13.01
CA VAL A 172 -19.16 9.13 -13.13
C VAL A 172 -20.50 9.34 -12.42
N GLY A 173 -21.31 8.29 -12.38
CA GLY A 173 -22.71 8.42 -11.98
C GLY A 173 -23.03 8.33 -10.50
N ALA A 174 -22.04 8.08 -9.66
CA ALA A 174 -22.26 8.02 -8.22
C ALA A 174 -22.63 9.39 -7.64
N PRO A 175 -23.33 9.42 -6.50
CA PRO A 175 -23.74 10.68 -5.86
C PRO A 175 -22.66 11.27 -4.93
N THR A 176 -21.74 10.43 -4.47
CA THR A 176 -20.68 10.87 -3.57
C THR A 176 -19.41 10.09 -3.90
N PHE A 177 -18.27 10.53 -3.38
CA PHE A 177 -17.05 9.77 -3.60
C PHE A 177 -17.09 8.41 -2.90
N ALA A 178 -17.63 8.39 -1.68
CA ALA A 178 -17.79 7.14 -0.95
C ALA A 178 -18.58 6.12 -1.78
N GLU A 179 -19.62 6.57 -2.47
CA GLU A 179 -20.39 5.66 -3.32
C GLU A 179 -19.61 5.29 -4.59
N ALA A 180 -18.86 6.24 -5.14
CA ALA A 180 -18.02 5.97 -6.31
C ALA A 180 -17.04 4.85 -6.01
N LEU A 181 -16.47 4.90 -4.81
CA LEU A 181 -15.52 3.89 -4.36
C LEU A 181 -16.19 2.53 -4.23
N ARG A 182 -17.38 2.50 -3.64
CA ARG A 182 -18.14 1.25 -3.55
C ARG A 182 -18.46 0.67 -4.93
N TYR A 183 -18.89 1.53 -5.86
CA TYR A 183 -19.19 1.09 -7.22
C TYR A 183 -17.99 0.32 -7.77
N GLY A 184 -16.82 0.96 -7.67
CA GLY A 184 -15.58 0.40 -8.20
C GLY A 184 -15.19 -0.89 -7.52
N ALA A 185 -15.28 -0.94 -6.20
CA ALA A 185 -14.91 -2.14 -5.46
C ALA A 185 -15.80 -3.33 -5.87
N GLU A 186 -17.08 -3.07 -6.06
CA GLU A 186 -18.02 -4.11 -6.43
C GLU A 186 -17.80 -4.63 -7.85
N VAL A 187 -17.43 -3.73 -8.76
CA VAL A 187 -17.05 -4.16 -10.11
C VAL A 187 -15.75 -4.95 -10.07
N PHE A 188 -14.79 -4.46 -9.28
CA PHE A 188 -13.52 -5.18 -9.10
C PHE A 188 -13.77 -6.61 -8.62
N HIS A 189 -14.62 -6.78 -7.62
CA HIS A 189 -14.89 -8.11 -7.08
C HIS A 189 -15.72 -8.96 -8.03
N ALA A 190 -16.61 -8.31 -8.78
CA ALA A 190 -17.38 -9.03 -9.78
C ALA A 190 -16.42 -9.57 -10.84
N LEU A 191 -15.48 -8.74 -11.26
CA LEU A 191 -14.53 -9.15 -12.30
C LEU A 191 -13.65 -10.29 -11.82
N LYS A 192 -13.18 -10.21 -10.58
CA LYS A 192 -12.30 -11.23 -10.05
C LYS A 192 -13.04 -12.57 -10.05
N LYS A 193 -14.29 -12.54 -9.60
CA LYS A 193 -15.11 -13.75 -9.53
C LYS A 193 -15.26 -14.40 -10.90
N ARG A 194 -15.46 -13.57 -11.93
CA ARG A 194 -15.59 -14.07 -13.30
C ARG A 194 -14.31 -14.74 -13.76
N LEU A 195 -13.19 -14.05 -13.57
CA LEU A 195 -11.89 -14.57 -13.96
C LEU A 195 -11.63 -15.92 -13.29
N VAL A 196 -11.85 -15.99 -11.97
CA VAL A 196 -11.64 -17.23 -11.23
C VAL A 196 -12.55 -18.35 -11.71
N SER A 197 -13.82 -18.05 -11.94
CA SER A 197 -14.79 -19.08 -12.36
C SER A 197 -14.42 -19.66 -13.72
N ARG A 198 -13.66 -18.90 -14.50
CA ARG A 198 -13.32 -19.32 -15.85
C ARG A 198 -11.89 -19.82 -16.00
N GLY A 199 -11.20 -19.98 -14.86
CA GLY A 199 -9.85 -20.48 -14.86
C GLY A 199 -8.84 -19.47 -15.39
N LEU A 200 -9.27 -18.22 -15.52
CA LEU A 200 -8.38 -17.17 -15.98
C LEU A 200 -7.53 -16.61 -14.83
N SER A 202 -5.91 -14.51 -11.91
CA SER A 202 -6.48 -13.67 -10.87
C SER A 202 -5.42 -12.83 -10.11
N ALA A 203 -4.15 -13.03 -10.44
CA ALA A 203 -3.08 -12.23 -9.84
C ALA A 203 -3.01 -10.85 -10.49
N VAL A 204 -2.41 -9.89 -9.80
CA VAL A 204 -2.45 -8.50 -10.23
C VAL A 204 -1.09 -7.88 -10.58
N GLY A 205 -1.12 -6.84 -11.42
CA GLY A 205 0.06 -6.10 -11.81
C GLY A 205 0.33 -4.91 -10.91
N ASP A 206 1.27 -4.06 -11.32
CA ASP A 206 1.77 -3.00 -10.44
C ASP A 206 0.70 -2.13 -9.76
N GLU A 207 -0.34 -1.76 -10.48
CA GLU A 207 -1.34 -0.87 -9.91
C GLU A 207 -2.52 -1.61 -9.31
N GLY A 208 -2.41 -2.95 -9.27
CA GLY A 208 -3.43 -3.78 -8.67
C GLY A 208 -4.51 -4.25 -9.64
N GLY A 209 -4.23 -4.14 -10.94
CA GLY A 209 -5.18 -4.59 -11.95
C GLY A 209 -4.93 -6.03 -12.38
N PHE A 210 -5.98 -6.70 -12.84
CA PHE A 210 -5.82 -8.07 -13.31
C PHE A 210 -5.10 -8.05 -14.65
N ALA A 211 -4.30 -9.08 -14.92
CA ALA A 211 -3.53 -9.14 -16.15
C ALA A 211 -3.73 -10.49 -16.84
N PRO A 212 -4.99 -10.79 -17.19
CA PRO A 212 -5.27 -12.08 -17.83
C PRO A 212 -4.75 -12.08 -19.26
N ASP A 213 -4.65 -13.28 -19.85
CA ASP A 213 -4.37 -13.41 -21.26
C ASP A 213 -5.70 -13.40 -21.99
N LEU A 214 -5.79 -12.57 -23.02
CA LEU A 214 -7.04 -12.40 -23.74
C LEU A 214 -6.78 -12.47 -25.24
N PRO A 215 -7.79 -12.89 -26.02
CA PRO A 215 -7.61 -13.03 -27.47
C PRO A 215 -7.33 -11.70 -28.14
N ASN A 216 -7.83 -10.61 -27.57
CA ASN A 216 -7.61 -9.28 -28.15
C ASN A 216 -7.89 -8.14 -27.17
N ASN A 217 -7.31 -6.98 -27.44
CA ASN A 217 -7.44 -5.81 -26.57
C ASN A 217 -8.87 -5.54 -26.13
N GLU A 218 -9.78 -5.50 -27.10
CA GLU A 218 -11.19 -5.28 -26.85
C GLU A 218 -11.76 -6.17 -25.75
N ALA A 219 -11.38 -7.45 -25.76
CA ALA A 219 -11.93 -8.42 -24.83
C ALA A 219 -11.80 -7.95 -23.38
N ALA A 220 -10.80 -7.12 -23.11
CA ALA A 220 -10.63 -6.55 -21.79
C ALA A 220 -11.84 -5.67 -21.42
N PHE A 221 -12.27 -4.82 -22.36
CA PHE A 221 -13.43 -3.97 -22.13
C PHE A 221 -14.71 -4.80 -22.10
N GLU A 222 -14.76 -5.88 -22.87
CA GLU A 222 -15.93 -6.77 -22.86
C GLU A 222 -16.07 -7.46 -21.50
N LEU A 223 -14.96 -7.93 -20.94
CA LEU A 223 -14.96 -8.49 -19.60
C LEU A 223 -15.35 -7.46 -18.56
N ILE A 224 -14.82 -6.25 -18.70
CA ILE A 224 -15.12 -5.17 -17.78
C ILE A 224 -16.61 -4.83 -17.82
N LEU A 225 -17.18 -4.77 -19.03
CA LEU A 225 -18.60 -4.49 -19.16
C LEU A 225 -19.46 -5.57 -18.49
N GLU A 226 -19.11 -6.84 -18.70
CA GLU A 226 -19.80 -7.94 -18.02
C GLU A 226 -19.79 -7.73 -16.50
N ALA A 227 -18.62 -7.34 -15.97
CA ALA A 227 -18.46 -7.19 -14.54
C ALA A 227 -19.30 -6.04 -14.00
N ILE A 228 -19.33 -4.95 -14.75
CA ILE A 228 -20.17 -3.80 -14.40
C ILE A 228 -21.64 -4.25 -14.31
N GLU A 229 -22.04 -5.13 -15.22
CA GLU A 229 -23.40 -5.62 -15.25
C GLU A 229 -23.67 -6.61 -14.12
N ASP A 230 -22.69 -7.47 -13.82
CA ASP A 230 -22.84 -8.40 -12.70
C ASP A 230 -23.10 -7.65 -11.41
N ALA A 231 -22.44 -6.52 -11.23
CA ALA A 231 -22.61 -5.71 -10.04
C ALA A 231 -23.87 -4.83 -10.14
N ASN A 232 -24.66 -5.07 -11.17
CA ASN A 232 -25.92 -4.35 -11.35
C ASN A 232 -25.78 -2.84 -11.51
N TYR A 233 -24.73 -2.39 -12.21
CA TYR A 233 -24.61 -0.99 -12.59
C TYR A 233 -24.80 -0.87 -14.09
N VAL A 234 -25.19 0.33 -14.51
CA VAL A 234 -25.47 0.58 -15.92
C VAL A 234 -24.28 1.22 -16.63
N PRO A 235 -23.64 0.46 -17.54
CA PRO A 235 -22.54 0.99 -18.34
C PRO A 235 -23.04 2.19 -19.14
N GLY A 236 -22.26 3.25 -19.20
CA GLY A 236 -22.63 4.42 -19.97
C GLY A 236 -23.56 5.35 -19.21
N LYS A 237 -23.77 5.06 -17.93
CA LYS A 237 -24.58 5.91 -17.08
C LYS A 237 -23.99 5.98 -15.66
N ASP A 238 -24.06 4.87 -14.93
CA ASP A 238 -23.40 4.78 -13.63
C ASP A 238 -21.88 4.76 -13.81
N ILE A 239 -21.41 4.00 -14.79
CA ILE A 239 -19.99 3.73 -14.94
C ILE A 239 -19.58 3.74 -16.42
N TYR A 240 -18.53 4.48 -16.72
CA TYR A 240 -17.94 4.52 -18.06
C TYR A 240 -16.58 3.86 -18.09
N LEU A 241 -15.98 3.80 -19.28
CA LEU A 241 -14.66 3.23 -19.44
C LEU A 241 -13.66 4.33 -19.78
N ALA A 242 -12.40 4.07 -19.46
CA ALA A 242 -11.32 4.94 -19.90
C ALA A 242 -10.14 4.07 -20.27
N LEU A 243 -9.25 4.63 -21.07
CA LEU A 243 -8.17 3.85 -21.65
C LEU A 243 -6.86 4.62 -21.56
N ASP A 244 -5.81 3.94 -21.12
CA ASP A 244 -4.45 4.46 -21.32
C ASP A 244 -3.76 3.58 -22.35
N ALA A 245 -3.66 4.09 -23.57
CA ALA A 245 -3.08 3.33 -24.66
C ALA A 245 -1.57 3.32 -24.50
N ALA A 246 -1.04 4.36 -23.87
CA ALA A 246 0.40 4.55 -23.73
C ALA A 246 1.08 4.25 -25.06
N SER A 247 0.56 4.85 -26.13
CA SER A 247 1.02 4.54 -27.47
C SER A 247 2.47 4.89 -27.78
N SER A 248 3.08 5.73 -26.95
CA SER A 248 4.51 6.03 -27.11
C SER A 248 5.33 4.73 -27.07
N GLU A 249 4.80 3.73 -26.38
CA GLU A 249 5.49 2.46 -26.21
C GLU A 249 5.34 1.58 -27.46
N LEU A 250 4.30 1.85 -28.25
CA LEU A 250 3.97 1.04 -29.42
C LEU A 250 4.51 1.65 -30.72
N TYR A 251 5.22 2.77 -30.58
CA TYR A 251 5.61 3.58 -31.73
C TYR A 251 7.03 3.33 -32.20
N GLN A 252 7.18 2.68 -33.35
CA GLN A 252 8.48 2.59 -34.01
C GLN A 252 8.37 3.13 -35.44
N ASN A 253 9.17 4.16 -35.72
CA ASN A 253 9.00 4.97 -36.92
C ASN A 253 8.62 4.21 -38.18
N GLY A 254 7.45 4.56 -38.71
CA GLY A 254 6.61 5.57 -38.08
C GLY A 254 5.20 5.06 -37.92
N ARG A 255 5.07 3.90 -37.29
CA ARG A 255 3.80 3.21 -37.19
C ARG A 255 3.65 2.63 -35.78
N TYR A 256 2.45 2.12 -35.47
CA TYR A 256 2.18 1.60 -34.15
C TYR A 256 1.99 0.07 -34.14
N ASP A 257 2.79 -0.61 -33.33
CA ASP A 257 2.62 -2.05 -33.13
C ASP A 257 1.34 -2.34 -32.36
N PHE A 258 0.23 -2.49 -33.07
CA PHE A 258 -1.02 -2.86 -32.42
C PHE A 258 -1.18 -4.38 -32.43
N GLU A 259 -2.36 -4.86 -32.79
CA GLU A 259 -2.64 -6.29 -32.72
C GLU A 259 -1.83 -7.09 -33.73
N ASN A 260 -0.60 -7.40 -33.35
CA ASN A 260 0.35 -8.12 -34.21
C ASN A 260 0.45 -7.51 -35.61
N ASN A 261 0.12 -6.22 -35.70
CA ASN A 261 0.18 -5.50 -36.96
C ASN A 261 1.03 -4.24 -36.84
N GLN A 262 0.79 -3.30 -37.75
CA GLN A 262 1.61 -2.11 -37.84
C GLN A 262 0.79 -0.98 -38.47
N LEU A 263 0.22 -0.12 -37.61
CA LEU A 263 -0.77 0.84 -38.08
C LEU A 263 -0.19 2.23 -38.32
N THR A 264 -0.70 2.90 -39.35
CA THR A 264 -0.42 4.31 -39.52
C THR A 264 -1.10 5.09 -38.39
N SER A 265 -0.77 6.37 -38.28
CA SER A 265 -1.41 7.21 -37.30
C SER A 265 -2.91 7.24 -37.49
N GLU A 266 -3.35 7.31 -38.74
CA GLU A 266 -4.77 7.43 -39.04
C GLU A 266 -5.53 6.13 -38.82
N GLU A 267 -4.86 5.01 -39.02
CA GLU A 267 -5.48 3.71 -38.74
C GLU A 267 -5.66 3.55 -37.24
N ILE A 269 -5.98 5.99 -35.16
CA ILE A 269 -7.06 6.91 -34.88
C ILE A 269 -8.42 6.30 -35.21
N ASP A 270 -8.48 5.56 -36.32
CA ASP A 270 -9.71 4.91 -36.72
C ASP A 270 -10.12 3.87 -35.69
N ARG A 271 -9.14 3.07 -35.24
CA ARG A 271 -9.37 2.09 -34.20
C ARG A 271 -9.91 2.73 -32.92
N LEU A 272 -9.22 3.78 -32.46
CA LEU A 272 -9.65 4.47 -31.24
C LEU A 272 -11.07 4.97 -31.42
N THR A 273 -11.38 5.44 -32.62
CA THR A 273 -12.70 5.95 -32.93
C THR A 273 -13.75 4.85 -32.86
N GLU A 274 -13.47 3.71 -33.50
CA GLU A 274 -14.37 2.56 -33.43
C GLU A 274 -14.73 2.27 -31.98
N TRP A 275 -13.71 2.16 -31.13
CA TRP A 275 -13.93 1.85 -29.72
C TRP A 275 -14.83 2.88 -29.03
N THR A 276 -14.66 4.14 -29.41
CA THR A 276 -15.45 5.22 -28.82
C THR A 276 -16.94 5.11 -29.15
N LYS A 277 -17.24 4.58 -30.33
CA LYS A 277 -18.62 4.45 -30.77
C LYS A 277 -19.26 3.16 -30.27
N LYS A 278 -18.41 2.14 -30.10
CA LYS A 278 -18.86 0.79 -29.73
C LYS A 278 -19.05 0.67 -28.21
N TYR A 279 -18.16 1.31 -27.45
CA TYR A 279 -18.15 1.21 -25.99
C TYR A 279 -18.26 2.60 -25.35
N PRO A 280 -18.76 2.64 -24.11
CA PRO A 280 -18.91 3.91 -23.38
C PRO A 280 -17.55 4.41 -22.89
N VAL A 281 -16.63 4.64 -23.81
CA VAL A 281 -15.33 5.19 -23.48
C VAL A 281 -15.44 6.71 -23.34
N ILE A 282 -15.09 7.21 -22.17
CA ILE A 282 -15.22 8.62 -21.88
C ILE A 282 -13.87 9.32 -21.97
N SER A 283 -12.79 8.54 -21.91
CA SER A 283 -11.45 9.13 -21.87
C SER A 283 -10.38 8.23 -22.51
N ILE A 284 -9.53 8.83 -23.34
CA ILE A 284 -8.39 8.11 -23.93
C ILE A 284 -7.09 8.86 -23.65
N GLU A 285 -6.19 8.19 -22.97
CA GLU A 285 -4.90 8.76 -22.62
C GLU A 285 -3.78 8.27 -23.54
N ASP A 286 -2.96 9.19 -24.04
CA ASP A 286 -1.86 8.86 -24.96
C ASP A 286 -2.28 7.91 -26.08
N GLY A 287 -3.33 8.30 -26.80
CA GLY A 287 -3.80 7.55 -27.95
C GLY A 287 -2.73 7.45 -29.02
N LEU A 288 -1.87 8.46 -29.07
CA LEU A 288 -0.76 8.47 -30.01
C LEU A 288 0.54 8.82 -29.29
N SER A 289 1.67 8.62 -29.97
CA SER A 289 2.98 8.82 -29.37
C SER A 289 3.27 10.29 -29.06
N GLU A 290 4.14 10.52 -28.07
CA GLU A 290 4.60 11.86 -27.76
C GLU A 290 5.49 12.42 -28.88
N ASN A 291 5.91 11.56 -29.79
CA ASN A 291 6.71 11.99 -30.95
C ASN A 291 5.88 12.01 -32.23
N ASP A 292 4.56 12.10 -32.08
CA ASP A 292 3.67 12.13 -33.24
C ASP A 292 2.68 13.28 -33.11
N TRP A 293 3.20 14.50 -33.00
CA TRP A 293 2.34 15.68 -32.83
C TRP A 293 1.39 15.87 -34.02
N ALA A 294 1.83 15.51 -35.21
CA ALA A 294 0.99 15.64 -36.39
C ALA A 294 -0.23 14.73 -36.26
N GLY A 295 -0.02 13.52 -35.75
CA GLY A 295 -1.11 12.59 -35.52
C GLY A 295 -2.06 13.08 -34.44
N TRP A 296 -1.49 13.60 -33.35
CA TRP A 296 -2.29 14.14 -32.26
C TRP A 296 -3.22 15.24 -32.75
N LYS A 297 -2.71 16.09 -33.63
CA LYS A 297 -3.49 17.15 -34.24
C LYS A 297 -4.77 16.59 -34.89
N LEU A 298 -4.59 15.57 -35.71
CA LEU A 298 -5.71 14.90 -36.36
C LEU A 298 -6.65 14.21 -35.36
N LEU A 299 -6.06 13.51 -34.39
CA LEU A 299 -6.85 12.81 -33.38
C LEU A 299 -7.75 13.78 -32.64
N THR A 300 -7.18 14.91 -32.23
CA THR A 300 -7.91 15.94 -31.51
C THR A 300 -9.01 16.53 -32.40
N GLU A 301 -8.66 16.88 -33.64
CA GLU A 301 -9.63 17.43 -34.59
C GLU A 301 -10.85 16.52 -34.69
N ARG A 302 -10.63 15.23 -34.63
CA ARG A 302 -11.70 14.27 -34.89
C ARG A 302 -12.53 13.89 -33.66
N LEU A 303 -11.92 13.88 -32.49
CA LEU A 303 -12.61 13.37 -31.30
C LEU A 303 -12.76 14.34 -30.13
N GLU A 304 -12.21 15.54 -30.25
CA GLU A 304 -12.13 16.44 -29.09
C GLU A 304 -13.49 16.80 -28.49
N ASN A 305 -14.54 16.69 -29.29
CA ASN A 305 -15.88 16.96 -28.79
C ASN A 305 -16.57 15.70 -28.26
N LYS A 306 -16.05 14.54 -28.63
CA LYS A 306 -16.73 13.28 -28.33
C LYS A 306 -16.13 12.51 -27.16
N VAL A 307 -14.88 12.83 -26.80
CA VAL A 307 -14.20 12.08 -25.75
C VAL A 307 -13.11 12.94 -25.11
N GLN A 308 -12.73 12.61 -23.89
CA GLN A 308 -11.60 13.29 -23.29
C GLN A 308 -10.31 12.70 -23.87
N LEU A 309 -9.42 13.58 -24.32
CA LEU A 309 -8.13 13.17 -24.88
C LEU A 309 -7.02 13.62 -23.95
N VAL A 310 -6.49 12.68 -23.16
CA VAL A 310 -5.53 13.03 -22.12
C VAL A 310 -4.11 12.94 -22.65
N GLY A 311 -3.36 14.03 -22.55
CA GLY A 311 -1.93 13.97 -22.80
C GLY A 311 -1.18 13.65 -21.52
N ASP A 312 -0.39 12.58 -21.56
CA ASP A 312 0.49 12.23 -20.44
C ASP A 312 1.95 12.44 -20.83
N ASP A 313 2.53 11.46 -21.52
CA ASP A 313 3.93 11.54 -21.95
C ASP A 313 4.22 12.69 -22.91
N ILE A 314 3.21 13.12 -23.66
CA ILE A 314 3.41 14.19 -24.61
C ILE A 314 3.65 15.55 -23.90
N PHE A 315 3.04 15.73 -22.74
CA PHE A 315 3.17 17.00 -22.00
C PHE A 315 4.13 16.91 -20.80
N VAL A 316 4.28 15.71 -20.24
CA VAL A 316 5.02 15.47 -18.99
C VAL A 316 4.87 16.57 -17.93
N THR A 317 3.62 16.94 -17.65
CA THR A 317 3.30 17.92 -16.61
C THR A 317 4.11 19.21 -16.72
N ASN A 318 4.54 19.54 -17.93
CA ASN A 318 5.41 20.67 -18.16
C ASN A 318 4.65 21.83 -18.78
N PRO A 319 4.52 22.95 -18.05
CA PRO A 319 3.73 24.10 -18.51
C PRO A 319 4.18 24.61 -19.87
N ASP A 320 5.48 24.58 -20.15
CA ASP A 320 5.99 25.05 -21.44
C ASP A 320 5.55 24.14 -22.58
N ILE A 321 5.48 22.84 -22.32
CA ILE A 321 5.07 21.91 -23.36
C ILE A 321 3.54 21.93 -23.55
N LEU A 322 2.80 22.04 -22.44
CA LEU A 322 1.35 22.15 -22.52
C LEU A 322 0.94 23.39 -23.31
N GLU A 323 1.65 24.50 -23.11
CA GLU A 323 1.38 25.73 -23.86
C GLU A 323 1.50 25.47 -25.36
N LYS A 324 2.57 24.79 -25.73
CA LYS A 324 2.82 24.43 -27.12
C LYS A 324 1.70 23.53 -27.63
N GLY A 325 1.28 22.59 -26.80
CA GLY A 325 0.16 21.72 -27.14
C GLY A 325 -1.11 22.51 -27.37
N ILE A 326 -1.34 23.48 -26.50
CA ILE A 326 -2.54 24.32 -26.58
C ILE A 326 -2.57 25.14 -27.87
N LYS A 327 -1.42 25.72 -28.22
CA LYS A 327 -1.31 26.52 -29.44
C LYS A 327 -1.53 25.65 -30.69
N LYS A 328 -1.16 24.38 -30.60
CA LYS A 328 -1.29 23.49 -31.75
C LYS A 328 -2.54 22.63 -31.65
N ASN A 329 -3.46 23.01 -30.77
CA ASN A 329 -4.72 22.30 -30.63
C ASN A 329 -4.52 20.81 -30.40
N ILE A 330 -3.60 20.48 -29.51
CA ILE A 330 -3.30 19.08 -29.18
C ILE A 330 -3.99 18.70 -27.87
N ALA A 331 -4.87 17.70 -27.93
CA ALA A 331 -5.49 17.14 -26.73
C ALA A 331 -6.52 18.07 -26.10
N ASN A 332 -7.20 17.59 -25.05
CA ASN A 332 -8.10 18.45 -24.28
C ASN A 332 -8.05 18.17 -22.79
N ALA A 333 -6.96 17.57 -22.33
CA ALA A 333 -6.78 17.25 -20.92
C ALA A 333 -5.34 16.85 -20.70
N ILE A 334 -4.88 17.02 -19.46
CA ILE A 334 -3.52 16.66 -19.12
C ILE A 334 -3.50 15.81 -17.86
N LEU A 335 -2.66 14.79 -17.88
CA LEU A 335 -2.39 13.98 -16.70
C LEU A 335 -1.25 14.65 -15.92
N VAL A 336 -1.51 14.94 -14.64
CA VAL A 336 -0.60 15.74 -13.83
C VAL A 336 0.17 14.87 -12.82
N LYS A 337 1.48 14.73 -13.06
CA LYS A 337 2.35 13.95 -12.19
C LYS A 337 3.40 14.85 -11.58
N LEU A 338 3.29 15.10 -10.28
CA LEU A 338 4.22 15.94 -9.55
C LEU A 338 5.68 15.69 -9.91
N ASN A 339 6.08 14.43 -9.89
CA ASN A 339 7.50 14.12 -10.00
C ASN A 339 8.00 14.13 -11.45
N GLN A 340 7.09 14.32 -12.40
CA GLN A 340 7.48 14.52 -13.79
C GLN A 340 8.11 15.90 -14.00
N ILE A 341 7.71 16.86 -13.16
CA ILE A 341 8.22 18.22 -13.31
C ILE A 341 9.14 18.61 -12.14
N GLY A 342 8.81 18.18 -10.93
CA GLY A 342 9.77 18.25 -9.83
C GLY A 342 9.50 19.16 -8.65
N THR A 343 8.59 20.13 -8.79
CA THR A 343 8.19 20.96 -7.66
C THR A 343 6.70 21.10 -7.58
N LEU A 344 6.21 21.37 -6.39
CA LEU A 344 4.78 21.66 -6.22
C LEU A 344 4.40 22.92 -7.01
N THR A 345 5.26 23.93 -6.98
CA THR A 345 4.97 25.20 -7.65
C THR A 345 4.77 25.03 -9.16
N GLU A 346 5.70 24.35 -9.82
CA GLU A 346 5.60 24.13 -11.26
C GLU A 346 4.43 23.22 -11.62
N THR A 347 4.08 22.32 -10.70
CA THR A 347 2.93 21.45 -10.92
C THR A 347 1.66 22.30 -10.92
N LEU A 348 1.57 23.22 -9.96
CA LEU A 348 0.40 24.10 -9.86
C LEU A 348 0.28 25.06 -11.04
N ALA A 349 1.42 25.45 -11.62
CA ALA A 349 1.38 26.29 -12.82
C ALA A 349 0.78 25.51 -13.99
N THR A 350 1.15 24.24 -14.12
CA THR A 350 0.59 23.40 -15.15
C THR A 350 -0.92 23.27 -14.96
N VAL A 351 -1.33 23.02 -13.73
CA VAL A 351 -2.76 22.90 -13.43
C VAL A 351 -3.50 24.18 -13.78
N GLY A 352 -2.92 25.32 -13.40
CA GLY A 352 -3.53 26.61 -13.64
C GLY A 352 -3.66 26.91 -15.13
N LEU A 353 -2.61 26.61 -15.88
CA LEU A 353 -2.63 26.83 -17.32
C LEU A 353 -3.69 25.94 -17.99
N ALA A 354 -3.76 24.68 -17.56
CA ALA A 354 -4.78 23.76 -18.07
C ALA A 354 -6.18 24.31 -17.85
N LYS A 355 -6.47 24.70 -16.61
CA LYS A 355 -7.78 25.23 -16.25
C LYS A 355 -8.16 26.49 -17.03
N SER A 356 -7.18 27.38 -17.20
CA SER A 356 -7.43 28.62 -17.92
C SER A 356 -7.76 28.35 -19.38
N ASN A 357 -7.39 27.16 -19.86
CA ASN A 357 -7.59 26.83 -21.26
C ASN A 357 -8.61 25.73 -21.47
N LYS A 358 -9.38 25.42 -20.43
CA LYS A 358 -10.46 24.46 -20.50
C LYS A 358 -9.99 23.03 -20.75
N TYR A 359 -8.76 22.72 -20.35
CA TYR A 359 -8.30 21.34 -20.43
C TYR A 359 -8.72 20.61 -19.16
N GLY A 360 -9.11 19.35 -19.30
CA GLY A 360 -9.32 18.49 -18.15
C GLY A 360 -8.02 18.32 -17.39
N VAL A 361 -8.12 18.14 -16.08
CA VAL A 361 -6.93 17.94 -15.24
C VAL A 361 -7.12 16.66 -14.44
N ILE A 362 -6.20 15.72 -14.58
CA ILE A 362 -6.28 14.47 -13.82
C ILE A 362 -5.03 14.34 -12.98
N ILE A 363 -5.19 14.40 -11.66
CA ILE A 363 -4.05 14.27 -10.77
C ILE A 363 -3.71 12.78 -10.71
N SER A 364 -2.43 12.45 -10.87
CA SER A 364 -2.06 11.04 -11.09
C SER A 364 -0.99 10.51 -10.15
N HIS A 365 -1.12 9.21 -9.84
CA HIS A 365 -0.07 8.46 -9.18
C HIS A 365 1.03 8.06 -10.18
N ARG A 366 2.06 7.39 -9.68
CA ARG A 366 3.05 6.74 -10.53
C ARG A 366 2.97 5.23 -10.29
N SER A 367 3.59 4.46 -11.17
CA SER A 367 3.64 2.99 -11.05
C SER A 367 4.21 2.58 -9.71
N GLY A 368 5.31 3.22 -9.34
CA GLY A 368 5.94 2.99 -8.06
C GLY A 368 5.41 4.01 -7.06
N GLU A 369 4.52 3.57 -6.18
CA GLU A 369 3.94 4.49 -5.22
C GLU A 369 4.45 4.23 -3.81
N THR A 370 4.01 5.05 -2.88
CA THR A 370 4.28 4.85 -1.47
C THR A 370 2.99 5.10 -0.71
N GLU A 371 3.06 5.02 0.61
CA GLU A 371 1.91 5.24 1.49
C GLU A 371 1.50 6.72 1.52
N ASP A 372 2.33 7.57 0.93
CA ASP A 372 2.03 8.99 0.77
C ASP A 372 0.69 9.21 0.05
N THR A 373 -0.12 10.13 0.55
CA THR A 373 -1.45 10.38 -0.02
C THR A 373 -1.61 11.80 -0.54
N THR A 374 -0.48 12.44 -0.86
CA THR A 374 -0.48 13.83 -1.32
C THR A 374 -1.45 14.10 -2.47
N ILE A 375 -1.46 13.22 -3.47
CA ILE A 375 -2.29 13.48 -4.65
C ILE A 375 -3.78 13.55 -4.34
N ALA A 376 -4.21 12.91 -3.25
CA ALA A 376 -5.60 13.01 -2.82
C ALA A 376 -5.93 14.43 -2.36
N ASP A 377 -5.13 14.96 -1.43
CA ASP A 377 -5.32 16.35 -1.01
C ASP A 377 -5.17 17.32 -2.19
N LEU A 378 -4.19 17.06 -3.06
CA LEU A 378 -3.98 17.90 -4.23
C LEU A 378 -5.18 17.98 -5.16
N ALA A 379 -5.81 16.83 -5.43
CA ALA A 379 -6.95 16.81 -6.36
C ALA A 379 -8.15 17.55 -5.79
N VAL A 380 -8.36 17.41 -4.49
CA VAL A 380 -9.44 18.13 -3.83
C VAL A 380 -9.15 19.65 -3.77
N ALA A 381 -7.92 20.02 -3.40
CA ALA A 381 -7.53 21.42 -3.23
C ALA A 381 -7.58 22.23 -4.52
N THR A 382 -7.22 21.59 -5.63
CA THR A 382 -7.18 22.29 -6.91
C THR A 382 -8.52 22.17 -7.63
N ASP A 383 -9.49 21.52 -7.00
CA ASP A 383 -10.77 21.27 -7.66
C ASP A 383 -10.49 20.67 -9.03
N ALA A 384 -9.53 19.74 -9.08
CA ALA A 384 -9.15 19.08 -10.32
C ALA A 384 -10.34 18.34 -10.95
N ARG A 385 -11.11 17.67 -10.10
CA ARG A 385 -12.32 16.94 -10.50
C ARG A 385 -12.07 15.55 -11.04
N GLN A 386 -10.80 15.21 -11.27
CA GLN A 386 -10.45 13.85 -11.70
C GLN A 386 -9.16 13.41 -11.05
N ILE A 387 -9.09 12.13 -10.70
CA ILE A 387 -7.88 11.56 -10.13
C ILE A 387 -7.65 10.17 -10.73
N LYS A 388 -6.39 9.82 -10.96
CA LYS A 388 -6.04 8.49 -11.41
C LYS A 388 -5.05 7.93 -10.41
N THR A 389 -5.51 7.01 -9.57
CA THR A 389 -4.65 6.52 -8.50
C THR A 389 -4.68 5.01 -8.27
N GLY A 390 -5.05 4.25 -9.30
CA GLY A 390 -4.80 2.82 -9.29
C GLY A 390 -6.01 1.92 -9.11
N SER A 391 -5.79 0.62 -9.20
CA SER A 391 -6.84 -0.37 -8.97
C SER A 391 -7.29 -0.38 -7.51
N LEU A 392 -8.26 -1.23 -7.20
CA LEU A 392 -8.85 -1.22 -5.87
C LEU A 392 -8.24 -2.21 -4.88
N CYS A 393 -7.15 -2.84 -5.28
CA CYS A 393 -6.35 -3.58 -4.30
C CYS A 393 -4.96 -2.95 -4.22
N ARG A 394 -4.19 -3.32 -3.19
CA ARG A 394 -2.89 -2.68 -2.91
C ARG A 394 -3.07 -1.36 -2.18
N SER A 395 -2.55 -1.26 -0.98
CA SER A 395 -2.68 -0.02 -0.20
C SER A 395 -1.88 1.14 -0.81
N ASP A 396 -0.87 0.82 -1.61
CA ASP A 396 -0.20 1.88 -2.36
C ASP A 396 -1.26 2.67 -3.11
N ARG A 397 -2.35 1.99 -3.45
CA ARG A 397 -3.45 2.64 -4.16
C ARG A 397 -4.60 2.98 -3.21
N VAL A 398 -5.06 1.98 -2.46
CA VAL A 398 -6.23 2.15 -1.59
C VAL A 398 -6.03 3.23 -0.53
N ALA A 399 -4.78 3.42 -0.09
CA ALA A 399 -4.52 4.49 0.87
C ALA A 399 -4.97 5.86 0.34
N LYS A 400 -4.84 6.06 -0.98
CA LYS A 400 -5.31 7.32 -1.58
C LYS A 400 -6.83 7.42 -1.50
N TYR A 401 -7.52 6.32 -1.82
CA TYR A 401 -8.97 6.32 -1.76
C TYR A 401 -9.46 6.57 -0.34
N ASN A 402 -8.85 5.88 0.63
CA ASN A 402 -9.21 6.09 2.03
C ASN A 402 -9.00 7.53 2.45
N ARG A 403 -7.96 8.15 1.92
CA ARG A 403 -7.70 9.55 2.24
C ARG A 403 -8.82 10.42 1.67
N LEU A 404 -9.26 10.11 0.45
CA LEU A 404 -10.37 10.82 -0.15
C LEU A 404 -11.64 10.65 0.70
N LEU A 405 -11.84 9.46 1.26
CA LEU A 405 -12.98 9.21 2.16
C LEU A 405 -12.93 10.13 3.38
N GLN A 406 -11.77 10.19 4.04
CA GLN A 406 -11.59 11.07 5.20
C GLN A 406 -11.96 12.51 4.83
N ILE A 407 -11.49 12.96 3.67
CA ILE A 407 -11.68 14.35 3.27
C ILE A 407 -13.15 14.64 3.00
N GLU A 408 -13.81 13.74 2.27
CA GLU A 408 -15.23 13.91 1.99
C GLU A 408 -16.02 13.99 3.30
N ARG A 409 -15.66 13.14 4.26
CA ARG A 409 -16.36 13.12 5.53
C ARG A 409 -16.09 14.39 6.37
N GLU A 410 -14.95 15.03 6.13
CA GLU A 410 -14.63 16.27 6.81
C GLU A 410 -15.30 17.47 6.16
N LEU A 411 -15.45 17.44 4.84
CA LEU A 411 -16.05 18.56 4.10
C LEU A 411 -17.56 18.40 3.98
N ASN A 412 -18.02 17.17 3.76
CA ASN A 412 -19.40 16.77 3.96
C ASN A 412 -20.45 17.37 3.01
N ASP A 413 -20.24 18.61 2.59
CA ASP A 413 -21.20 19.29 1.75
C ASP A 413 -20.48 20.35 0.94
N GLN A 414 -19.36 20.82 1.49
CA GLN A 414 -18.51 21.78 0.82
C GLN A 414 -17.59 21.12 -0.22
N ALA A 415 -17.70 19.80 -0.37
CA ALA A 415 -16.93 19.09 -1.39
C ALA A 415 -17.83 18.15 -2.19
N PRO A 416 -18.66 18.72 -3.08
CA PRO A 416 -19.53 17.87 -3.89
C PRO A 416 -18.72 16.98 -4.82
N TYR A 417 -19.18 15.75 -5.02
CA TYR A 417 -18.56 14.84 -5.98
C TYR A 417 -18.74 15.43 -7.38
N ALA A 418 -17.65 15.50 -8.15
CA ALA A 418 -17.68 16.17 -9.44
C ALA A 418 -18.59 15.52 -10.48
N GLY A 419 -18.68 14.20 -10.46
CA GLY A 419 -19.55 13.48 -11.40
C GLY A 419 -19.35 13.91 -12.85
N LYS A 420 -20.46 14.18 -13.53
CA LYS A 420 -20.43 14.59 -14.94
C LYS A 420 -19.72 15.93 -15.17
N GLU A 421 -19.73 16.78 -14.14
CA GLU A 421 -19.08 18.08 -14.21
C GLU A 421 -17.56 18.02 -14.29
N ALA A 422 -17.00 16.82 -14.14
CA ALA A 422 -15.56 16.62 -14.30
C ALA A 422 -15.17 16.70 -15.76
N PHE A 423 -16.11 16.40 -16.65
CA PHE A 423 -15.80 16.29 -18.07
C PHE A 423 -16.39 17.46 -18.86
N LEU A 424 -15.50 18.28 -19.43
CA LEU A 424 -15.93 19.50 -20.09
C LEU A 424 -15.64 19.49 -21.60
N PHE A 425 -15.26 18.32 -22.12
CA PHE A 425 -14.90 18.23 -23.54
C PHE A 425 -16.09 18.54 -24.46
N ASN A 426 -17.29 18.58 -23.89
CA ASN A 426 -18.48 19.07 -24.60
C ASN A 426 -18.55 20.59 -24.58
N THR B 2 -5.02 16.54 33.44
CA THR B 2 -5.06 15.16 33.00
C THR B 2 -5.98 14.96 31.80
N ALA B 3 -5.40 14.52 30.69
CA ALA B 3 -6.17 14.30 29.47
C ALA B 3 -7.07 13.06 29.57
N THR B 4 -8.36 13.26 29.29
CA THR B 4 -9.31 12.16 29.25
C THR B 4 -9.95 12.07 27.88
N ILE B 5 -10.48 10.90 27.55
CA ILE B 5 -11.13 10.70 26.27
C ILE B 5 -12.42 11.51 26.17
N THR B 6 -12.51 12.34 25.14
CA THR B 6 -13.68 13.19 24.96
C THR B 6 -14.48 12.83 23.72
N ASP B 7 -13.91 12.00 22.86
CA ASP B 7 -14.62 11.56 21.66
C ASP B 7 -13.97 10.36 21.00
N ILE B 8 -14.81 9.46 20.50
CA ILE B 8 -14.35 8.35 19.69
C ILE B 8 -15.22 8.29 18.45
N ASN B 9 -14.59 8.23 17.29
CA ASN B 9 -15.32 8.18 16.03
C ASN B 9 -14.70 7.19 15.04
N ALA B 10 -15.55 6.37 14.45
CA ALA B 10 -15.12 5.40 13.46
C ALA B 10 -15.81 5.69 12.14
N HIS B 11 -15.12 5.38 11.04
CA HIS B 11 -15.77 5.37 9.74
C HIS B 11 -15.33 4.17 8.90
N GLU B 12 -16.05 3.91 7.82
CA GLU B 12 -15.81 2.73 6.98
C GLU B 12 -14.81 3.04 5.88
N ILE B 13 -13.69 2.31 5.87
CA ILE B 13 -12.68 2.44 4.82
C ILE B 13 -12.50 1.12 4.09
N LEU B 14 -11.53 1.05 3.19
CA LEU B 14 -11.30 -0.16 2.41
C LEU B 14 -9.95 -0.78 2.78
N ASP B 15 -9.89 -2.10 2.85
CA ASP B 15 -8.60 -2.76 3.07
C ASP B 15 -7.87 -3.04 1.77
N SER B 16 -6.70 -3.67 1.87
CA SER B 16 -5.84 -3.90 0.71
C SER B 16 -6.41 -4.90 -0.29
N ARG B 17 -7.51 -5.54 0.07
CA ARG B 17 -8.21 -6.42 -0.86
C ARG B 17 -9.55 -5.85 -1.31
N ALA B 18 -9.73 -4.55 -1.16
CA ALA B 18 -10.96 -3.88 -1.60
C ALA B 18 -12.17 -4.36 -0.81
N ASN B 19 -11.94 -4.83 0.42
CA ASN B 19 -13.02 -5.15 1.35
C ASN B 19 -13.08 -4.10 2.44
N PRO B 20 -14.29 -3.70 2.84
CA PRO B 20 -14.45 -2.71 3.90
C PRO B 20 -13.79 -3.12 5.20
N THR B 21 -13.24 -2.14 5.91
CA THR B 21 -12.86 -2.32 7.28
C THR B 21 -13.08 -0.97 7.95
N LEU B 22 -12.67 -0.82 9.20
CA LEU B 22 -12.93 0.43 9.87
C LEU B 22 -11.66 1.12 10.35
N GLU B 23 -11.75 2.45 10.44
CA GLU B 23 -10.70 3.27 11.00
C GLU B 23 -11.29 4.01 12.20
N VAL B 24 -10.52 4.07 13.29
CA VAL B 24 -11.00 4.71 14.51
C VAL B 24 -10.11 5.88 14.94
N ARG B 25 -10.73 7.00 15.30
CA ARG B 25 -10.00 8.09 15.95
C ARG B 25 -10.50 8.32 17.37
N VAL B 26 -9.57 8.31 18.31
CA VAL B 26 -9.88 8.63 19.70
C VAL B 26 -9.32 10.00 20.03
N THR B 27 -10.18 10.91 20.46
CA THR B 27 -9.78 12.29 20.75
C THR B 27 -9.76 12.55 22.25
N LEU B 28 -8.72 13.24 22.72
CA LEU B 28 -8.57 13.53 24.14
C LEU B 28 -8.93 14.99 24.43
N SER B 29 -9.14 15.29 25.72
CA SER B 29 -9.48 16.65 26.14
C SER B 29 -8.36 17.64 25.87
N SER B 30 -7.13 17.15 25.87
CA SER B 30 -5.97 17.98 25.56
C SER B 30 -5.95 18.33 24.08
N GLN B 31 -6.89 17.72 23.34
CA GLN B 31 -7.02 17.92 21.90
C GLN B 31 -6.06 17.01 21.10
N ALA B 32 -5.20 16.28 21.80
CA ALA B 32 -4.41 15.24 21.16
C ALA B 32 -5.34 14.13 20.74
N TYR B 33 -4.96 13.36 19.73
CA TYR B 33 -5.77 12.23 19.30
C TYR B 33 -4.92 11.10 18.73
N GLY B 34 -5.53 9.93 18.58
CA GLY B 34 -4.88 8.79 17.97
C GLY B 34 -5.79 8.09 16.98
N CYS B 35 -5.21 7.54 15.92
CA CYS B 35 -5.96 6.85 14.87
C CYS B 35 -5.42 5.43 14.69
N ALA B 36 -6.32 4.50 14.38
CA ALA B 36 -5.92 3.14 14.05
C ALA B 36 -6.93 2.50 13.09
N ALA B 37 -6.45 1.63 12.21
CA ALA B 37 -7.32 0.87 11.30
C ALA B 37 -7.18 -0.63 11.57
N VAL B 38 -8.22 -1.39 11.26
CA VAL B 38 -8.27 -2.81 11.58
C VAL B 38 -8.04 -3.67 10.34
N PRO B 39 -7.12 -4.64 10.43
CA PRO B 39 -6.90 -5.57 9.31
C PRO B 39 -8.03 -6.60 9.21
N SER B 40 -7.99 -7.46 8.20
CA SER B 40 -9.04 -8.44 7.99
C SER B 40 -8.98 -9.53 9.06
N ARG B 47 -11.36 -21.39 17.27
CA ARG B 47 -11.50 -20.34 16.26
C ARG B 47 -11.16 -18.98 16.86
N GLU B 48 -11.11 -17.95 16.02
CA GLU B 48 -10.72 -16.62 16.46
C GLU B 48 -11.91 -15.73 16.83
N ALA B 49 -11.62 -14.58 17.44
CA ALA B 49 -12.65 -13.61 17.80
C ALA B 49 -13.45 -13.20 16.55
N VAL B 50 -14.71 -12.88 16.76
CA VAL B 50 -15.64 -12.64 15.65
C VAL B 50 -15.62 -11.20 15.14
N GLU B 51 -15.12 -11.01 13.93
CA GLU B 51 -15.27 -9.71 13.28
C GLU B 51 -16.72 -9.56 12.81
N LEU B 52 -17.27 -8.36 13.00
CA LEU B 52 -18.66 -8.08 12.66
C LEU B 52 -18.81 -7.52 11.25
N ARG B 53 -19.55 -8.23 10.40
CA ARG B 53 -19.89 -7.75 9.05
C ARG B 53 -21.39 -7.51 8.99
N ASP B 54 -21.82 -6.67 8.06
CA ASP B 54 -23.23 -6.30 7.93
C ASP B 54 -24.07 -7.37 7.22
N ASN B 55 -23.41 -8.19 6.42
CA ASN B 55 -24.10 -9.18 5.60
C ASN B 55 -25.28 -8.61 4.81
N ASP B 56 -25.17 -7.35 4.40
CA ASP B 56 -26.12 -6.78 3.45
C ASP B 56 -25.60 -7.03 2.04
N LEU B 57 -26.19 -8.00 1.36
CA LEU B 57 -25.66 -8.51 0.09
C LEU B 57 -25.76 -7.52 -1.06
N GLU B 58 -26.47 -6.43 -0.84
CA GLU B 58 -26.61 -5.39 -1.86
C GLU B 58 -25.51 -4.36 -1.71
N ARG B 59 -24.65 -4.57 -0.72
CA ARG B 59 -23.59 -3.62 -0.40
C ARG B 59 -22.26 -4.33 -0.15
N TYR B 60 -21.28 -4.09 -1.02
CA TYR B 60 -19.97 -4.71 -0.87
C TYR B 60 -20.08 -6.22 -0.70
N GLY B 61 -21.08 -6.83 -1.35
CA GLY B 61 -21.22 -8.27 -1.31
C GLY B 61 -21.38 -8.83 0.10
N GLY B 62 -21.93 -8.01 0.98
CA GLY B 62 -22.24 -8.46 2.33
C GLY B 62 -21.13 -8.16 3.33
N LYS B 63 -20.04 -7.57 2.85
CA LYS B 63 -18.85 -7.36 3.66
C LYS B 63 -18.75 -5.97 4.29
N GLY B 64 -19.84 -5.20 4.25
CA GLY B 64 -19.86 -3.89 4.90
C GLY B 64 -19.56 -4.00 6.39
N VAL B 65 -19.10 -2.91 6.99
CA VAL B 65 -18.88 -2.89 8.44
C VAL B 65 -19.55 -1.69 9.12
N LEU B 66 -20.68 -1.27 8.58
CA LEU B 66 -21.44 -0.14 9.10
C LEU B 66 -21.92 -0.39 10.54
N GLN B 67 -22.36 -1.60 10.82
CA GLN B 67 -22.85 -1.91 12.15
C GLN B 67 -21.70 -1.83 13.16
N ALA B 68 -20.54 -2.35 12.78
CA ALA B 68 -19.36 -2.28 13.63
C ALA B 68 -19.03 -0.81 13.92
N VAL B 69 -19.11 0.02 12.88
CA VAL B 69 -18.87 1.45 13.03
C VAL B 69 -19.88 2.07 13.99
N GLU B 70 -21.12 1.61 13.94
CA GLU B 70 -22.16 2.07 14.86
C GLU B 70 -21.82 1.76 16.31
N ASN B 71 -21.29 0.56 16.53
CA ASN B 71 -20.94 0.13 17.87
C ASN B 71 -19.85 1.00 18.49
N VAL B 72 -18.86 1.36 17.67
CA VAL B 72 -17.82 2.27 18.11
C VAL B 72 -18.40 3.65 18.45
N ASN B 73 -19.15 4.20 17.51
CA ASN B 73 -19.67 5.57 17.64
C ASN B 73 -20.78 5.72 18.68
N GLY B 74 -21.43 4.61 19.06
CA GLY B 74 -22.51 4.67 20.02
C GLY B 74 -22.15 4.01 21.34
N PRO B 75 -22.52 2.73 21.49
CA PRO B 75 -22.32 1.94 22.72
C PRO B 75 -20.90 2.07 23.26
N ILE B 76 -19.92 1.70 22.44
CA ILE B 76 -18.51 1.73 22.84
C ILE B 76 -18.06 3.13 23.28
N ARG B 77 -18.37 4.13 22.47
CA ARG B 77 -18.03 5.50 22.79
C ARG B 77 -18.58 5.92 24.15
N ASP B 78 -19.88 5.69 24.36
CA ASP B 78 -20.54 6.11 25.60
C ASP B 78 -19.88 5.48 26.82
N ALA B 79 -19.46 4.23 26.68
CA ALA B 79 -18.92 3.50 27.82
C ALA B 79 -17.49 3.89 28.16
N LEU B 80 -16.89 4.73 27.32
CA LEU B 80 -15.48 5.10 27.50
C LEU B 80 -15.21 6.59 27.67
N LEU B 81 -16.18 7.43 27.37
CA LEU B 81 -16.01 8.87 27.60
C LEU B 81 -15.55 9.13 29.02
N GLY B 82 -14.58 10.03 29.18
CA GLY B 82 -14.09 10.41 30.50
C GLY B 82 -12.93 9.56 30.98
N GLN B 83 -12.70 8.44 30.32
CA GLN B 83 -11.63 7.52 30.73
C GLN B 83 -10.25 8.10 30.45
N ASP B 84 -9.28 7.67 31.24
CA ASP B 84 -7.88 8.02 31.01
C ASP B 84 -7.27 7.01 30.03
N PRO B 85 -6.90 7.49 28.85
CA PRO B 85 -6.39 6.63 27.76
C PRO B 85 -5.15 5.84 28.13
N ARG B 86 -4.47 6.22 29.21
CA ARG B 86 -3.28 5.49 29.64
C ARG B 86 -3.65 4.18 30.32
N SER B 87 -4.92 4.07 30.73
CA SER B 87 -5.40 2.87 31.42
C SER B 87 -5.86 1.81 30.43
N GLN B 88 -4.92 1.30 29.64
CA GLN B 88 -5.23 0.36 28.56
C GLN B 88 -6.01 -0.86 29.08
N GLU B 89 -5.44 -1.53 30.08
CA GLU B 89 -6.05 -2.75 30.63
C GLU B 89 -7.50 -2.53 31.05
N GLU B 90 -7.77 -1.40 31.71
CA GLU B 90 -9.10 -1.11 32.22
C GLU B 90 -10.07 -0.79 31.08
N ILE B 91 -9.60 0.02 30.13
CA ILE B 91 -10.38 0.35 28.93
C ILE B 91 -10.74 -0.92 28.16
N ASP B 92 -9.74 -1.79 27.97
CA ASP B 92 -9.96 -3.07 27.31
C ASP B 92 -10.92 -3.93 28.14
N ARG B 93 -10.84 -3.81 29.46
CA ARG B 93 -11.72 -4.56 30.35
C ARG B 93 -13.16 -4.08 30.20
N ILE B 94 -13.35 -2.77 30.20
CA ILE B 94 -14.68 -2.18 30.05
C ILE B 94 -15.33 -2.64 28.74
N ILE B 96 -14.50 -5.41 26.86
CA ILE B 96 -14.70 -6.85 26.91
C ILE B 96 -15.96 -7.17 27.72
N GLU B 97 -16.17 -6.43 28.79
CA GLU B 97 -17.34 -6.60 29.62
C GLU B 97 -18.59 -6.13 28.88
N LEU B 98 -18.48 -5.00 28.19
CA LEU B 98 -19.60 -4.43 27.46
C LEU B 98 -20.08 -5.38 26.36
N ASP B 99 -19.13 -5.97 25.64
CA ASP B 99 -19.46 -6.98 24.64
C ASP B 99 -20.19 -8.14 25.31
N GLY B 100 -19.63 -8.62 26.42
CA GLY B 100 -20.28 -9.64 27.21
C GLY B 100 -19.98 -11.08 26.81
N THR B 101 -19.52 -11.26 25.57
CA THR B 101 -19.33 -12.60 25.02
C THR B 101 -17.86 -13.00 24.94
N GLU B 102 -17.60 -14.29 25.13
CA GLU B 102 -16.28 -14.87 24.91
C GLU B 102 -15.79 -14.57 23.50
N ASN B 103 -16.75 -14.34 22.60
CA ASN B 103 -16.49 -14.21 21.18
C ASN B 103 -16.09 -12.80 20.73
N LYS B 104 -16.48 -11.80 21.52
CA LYS B 104 -16.51 -10.44 21.04
C LYS B 104 -17.46 -10.38 19.84
N ALA B 105 -18.45 -11.27 19.83
CA ALA B 105 -19.38 -11.39 18.71
C ALA B 105 -20.50 -10.35 18.75
N ASN B 106 -20.70 -9.72 19.90
CA ASN B 106 -21.74 -8.71 20.02
C ASN B 106 -21.34 -7.37 19.43
N LEU B 107 -20.25 -6.79 19.93
CA LEU B 107 -19.75 -5.52 19.41
C LEU B 107 -18.87 -5.71 18.18
N GLY B 108 -18.27 -6.89 18.08
CA GLY B 108 -17.34 -7.17 17.00
C GLY B 108 -15.90 -6.97 17.44
N ALA B 109 -15.08 -7.98 17.18
CA ALA B 109 -13.65 -7.89 17.49
C ALA B 109 -13.00 -6.76 16.72
N ASN B 110 -13.52 -6.46 15.53
CA ASN B 110 -13.01 -5.34 14.75
C ASN B 110 -13.31 -3.98 15.37
N ALA B 111 -14.50 -3.84 15.96
CA ALA B 111 -14.87 -2.61 16.64
C ALA B 111 -14.01 -2.41 17.89
N ILE B 112 -13.90 -3.47 18.69
CA ILE B 112 -13.13 -3.41 19.92
C ILE B 112 -11.65 -3.11 19.69
N LEU B 113 -11.02 -3.87 18.78
CA LEU B 113 -9.60 -3.69 18.51
C LEU B 113 -9.31 -2.29 17.98
N GLY B 114 -10.14 -1.83 17.05
CA GLY B 114 -9.97 -0.50 16.49
C GLY B 114 -9.82 0.56 17.56
N VAL B 115 -10.69 0.50 18.57
CA VAL B 115 -10.62 1.48 19.65
C VAL B 115 -9.48 1.17 20.62
N SER B 116 -9.25 -0.12 20.86
CA SER B 116 -8.15 -0.57 21.71
C SER B 116 -6.83 0.03 21.24
N LEU B 117 -6.59 -0.03 19.94
CA LEU B 117 -5.37 0.50 19.34
C LEU B 117 -5.37 2.03 19.31
N ALA B 118 -6.48 2.62 18.91
CA ALA B 118 -6.59 4.07 18.81
C ALA B 118 -6.35 4.74 20.18
N VAL B 119 -6.85 4.11 21.24
CA VAL B 119 -6.60 4.60 22.61
C VAL B 119 -5.11 4.69 22.92
N ALA B 120 -4.38 3.61 22.62
CA ALA B 120 -2.95 3.59 22.85
C ALA B 120 -2.21 4.65 22.02
N TYR B 121 -2.63 4.84 20.77
CA TYR B 121 -2.04 5.89 19.94
C TYR B 121 -2.33 7.24 20.56
N ALA B 122 -3.55 7.43 21.03
CA ALA B 122 -3.95 8.69 21.65
C ALA B 122 -3.05 8.99 22.85
N ALA B 123 -2.90 8.01 23.74
CA ALA B 123 -2.05 8.19 24.91
C ALA B 123 -0.61 8.47 24.48
N ALA B 124 -0.13 7.72 23.48
CA ALA B 124 1.22 7.93 22.96
C ALA B 124 1.39 9.37 22.45
N ASN B 125 0.50 9.77 21.55
CA ASN B 125 0.57 11.11 20.97
C ASN B 125 0.46 12.21 22.03
N ASN B 126 -0.37 11.99 23.05
CA ASN B 126 -0.55 12.99 24.10
C ASN B 126 0.75 13.24 24.87
N ALA B 127 1.53 12.19 25.02
CA ALA B 127 2.82 12.28 25.70
C ALA B 127 3.94 12.53 24.71
N ASP B 128 3.57 12.87 23.48
CA ASP B 128 4.55 13.16 22.44
C ASP B 128 5.54 12.01 22.25
N LEU B 129 5.04 10.78 22.34
CA LEU B 129 5.88 9.59 22.12
C LEU B 129 5.43 8.79 20.92
N PRO B 130 6.38 8.23 20.16
CA PRO B 130 6.03 7.25 19.13
C PRO B 130 5.50 6.00 19.80
N LEU B 131 4.64 5.26 19.12
CA LEU B 131 3.96 4.13 19.75
C LEU B 131 4.95 3.16 20.41
N TYR B 132 6.00 2.80 19.69
CA TYR B 132 6.97 1.83 20.23
C TYR B 132 7.55 2.28 21.57
N ARG B 133 7.71 3.59 21.75
CA ARG B 133 8.24 4.12 23.01
C ARG B 133 7.21 4.10 24.13
N TYR B 134 5.98 4.47 23.80
CA TYR B 134 4.90 4.45 24.76
C TYR B 134 4.64 3.04 25.26
N LEU B 135 4.76 2.06 24.38
CA LEU B 135 4.49 0.66 24.72
C LEU B 135 5.66 -0.04 25.40
N GLY B 136 6.88 0.28 25.00
CA GLY B 136 8.04 -0.49 25.42
C GLY B 136 8.68 -0.05 26.72
N GLY B 137 8.54 1.23 27.06
CA GLY B 137 9.23 1.78 28.20
C GLY B 137 10.26 2.79 27.74
N ASP B 138 11.13 3.22 28.65
CA ASP B 138 12.05 4.32 28.35
C ASP B 138 13.54 4.00 28.12
N GLY B 139 14.02 2.80 28.44
CA GLY B 139 13.22 1.69 28.91
C GLY B 139 13.51 0.49 28.02
N GLY B 140 12.47 -0.07 27.42
CA GLY B 140 12.65 -1.21 26.54
C GLY B 140 12.70 -2.51 27.30
N PRO B 141 13.58 -3.43 26.88
CA PRO B 141 14.54 -3.22 25.79
C PRO B 141 13.89 -3.27 24.39
N PHE B 142 14.52 -2.62 23.42
CA PHE B 142 14.04 -2.64 22.05
C PHE B 142 14.94 -3.50 21.17
N SER B 143 14.37 -4.05 20.10
CA SER B 143 15.15 -4.76 19.10
C SER B 143 14.43 -4.70 17.75
N PRO B 145 13.10 -6.55 14.66
CA PRO B 145 12.71 -7.93 14.39
C PRO B 145 13.26 -8.44 13.07
N VAL B 146 13.50 -9.74 13.02
CA VAL B 146 13.86 -10.42 11.78
C VAL B 146 12.58 -10.64 11.00
N PRO B 147 12.55 -10.21 9.73
CA PRO B 147 11.33 -10.36 8.94
C PRO B 147 11.29 -11.68 8.18
N ASN B 150 7.14 -13.65 2.71
CA ASN B 150 6.41 -14.52 1.80
C ASN B 150 6.70 -14.19 0.35
N ILE B 151 7.45 -15.07 -0.30
CA ILE B 151 7.95 -14.81 -1.65
C ILE B 151 7.26 -15.67 -2.73
N ILE B 152 6.93 -16.92 -2.37
CA ILE B 152 6.16 -17.80 -3.25
C ILE B 152 4.93 -18.33 -2.55
N ASN B 153 3.82 -18.45 -3.29
CA ASN B 153 2.53 -18.84 -2.71
C ASN B 153 1.94 -20.14 -3.26
N GLY B 154 1.05 -20.75 -2.50
CA GLY B 154 0.36 -21.96 -2.92
C GLY B 154 -0.93 -22.20 -2.14
N ASN B 161 -0.12 -25.48 -9.54
CA ASN B 161 -0.19 -25.52 -8.08
C ASN B 161 0.32 -26.84 -7.51
N PHE B 164 1.26 -26.24 0.00
CA PHE B 164 1.74 -25.26 0.96
C PHE B 164 1.30 -23.84 0.61
N GLN B 165 1.12 -23.03 1.65
CA GLN B 165 0.57 -21.70 1.46
C GLN B 165 1.66 -20.64 1.26
N GLU B 166 2.72 -20.70 2.06
CA GLU B 166 3.76 -19.67 1.98
C GLU B 166 5.18 -20.23 2.00
N PHE B 167 5.95 -19.88 0.96
CA PHE B 167 7.38 -20.14 0.93
C PHE B 167 8.10 -18.81 1.16
N ILE B 169 11.51 -16.22 2.71
CA ILE B 169 12.91 -16.00 3.02
C ILE B 169 13.05 -15.23 4.32
N VAL B 170 14.16 -15.45 5.02
CA VAL B 170 14.41 -14.86 6.32
C VAL B 170 15.87 -14.39 6.41
N PRO B 171 16.11 -13.07 6.25
CA PRO B 171 17.47 -12.51 6.21
C PRO B 171 18.12 -12.49 7.59
N VAL B 172 18.30 -13.67 8.17
CA VAL B 172 18.88 -13.80 9.50
C VAL B 172 20.24 -13.16 9.62
N GLY B 173 21.03 -13.22 8.55
CA GLY B 173 22.44 -12.86 8.60
C GLY B 173 22.76 -11.38 8.36
N ALA B 174 21.73 -10.55 8.20
CA ALA B 174 21.95 -9.13 8.01
C ALA B 174 22.42 -8.46 9.30
N PRO B 175 23.21 -7.39 9.18
CA PRO B 175 23.71 -6.65 10.36
C PRO B 175 22.71 -5.64 10.92
N THR B 176 21.76 -5.19 10.08
CA THR B 176 20.74 -4.25 10.50
C THR B 176 19.43 -4.55 9.78
N PHE B 177 18.34 -3.93 10.21
CA PHE B 177 17.08 -4.17 9.52
C PHE B 177 17.12 -3.59 8.11
N ALA B 178 17.76 -2.44 7.95
CA ALA B 178 17.87 -1.81 6.64
C ALA B 178 18.53 -2.77 5.66
N GLU B 179 19.58 -3.46 6.12
CA GLU B 179 20.25 -4.43 5.27
C GLU B 179 19.39 -5.67 5.05
N ALA B 180 18.71 -6.12 6.10
CA ALA B 180 17.77 -7.22 5.97
C ALA B 180 16.77 -6.94 4.85
N LEU B 181 16.21 -5.73 4.86
CA LEU B 181 15.26 -5.31 3.85
C LEU B 181 15.87 -5.37 2.45
N ARG B 182 17.09 -4.87 2.31
CA ARG B 182 17.77 -4.89 1.01
C ARG B 182 18.04 -6.31 0.54
N TYR B 183 18.50 -7.16 1.44
CA TYR B 183 18.70 -8.57 1.12
C TYR B 183 17.45 -9.12 0.47
N GLY B 184 16.31 -8.93 1.13
CA GLY B 184 15.04 -9.43 0.64
C GLY B 184 14.67 -8.86 -0.72
N ALA B 185 14.80 -7.55 -0.88
CA ALA B 185 14.41 -6.93 -2.14
C ALA B 185 15.22 -7.47 -3.31
N GLU B 186 16.51 -7.68 -3.08
CA GLU B 186 17.39 -8.15 -4.15
C GLU B 186 17.10 -9.61 -4.54
N VAL B 187 16.69 -10.40 -3.56
CA VAL B 187 16.27 -11.78 -3.85
C VAL B 187 14.93 -11.77 -4.59
N PHE B 188 14.01 -10.91 -4.16
CA PHE B 188 12.71 -10.77 -4.80
C PHE B 188 12.90 -10.42 -6.29
N HIS B 189 13.75 -9.44 -6.58
CA HIS B 189 14.03 -9.06 -7.96
C HIS B 189 14.71 -10.16 -8.76
N ALA B 190 15.67 -10.84 -8.13
CA ALA B 190 16.36 -11.96 -8.77
C ALA B 190 15.36 -13.07 -9.13
N LEU B 191 14.46 -13.35 -8.19
CA LEU B 191 13.46 -14.40 -8.41
C LEU B 191 12.54 -14.02 -9.58
N LYS B 192 12.06 -12.78 -9.56
CA LYS B 192 11.18 -12.29 -10.63
C LYS B 192 11.81 -12.48 -12.01
N LYS B 193 13.09 -12.10 -12.15
CA LYS B 193 13.80 -12.23 -13.42
C LYS B 193 13.84 -13.68 -13.89
N ARG B 194 13.93 -14.62 -12.95
CA ARG B 194 13.94 -16.04 -13.29
C ARG B 194 12.57 -16.49 -13.81
N LEU B 195 11.53 -16.20 -13.03
CA LEU B 195 10.18 -16.58 -13.43
C LEU B 195 9.87 -16.10 -14.85
N VAL B 196 10.21 -14.85 -15.15
CA VAL B 196 10.01 -14.30 -16.49
C VAL B 196 10.81 -15.05 -17.55
N SER B 197 12.05 -15.38 -17.23
CA SER B 197 12.93 -16.09 -18.16
C SER B 197 12.42 -17.50 -18.45
N ARG B 198 11.69 -18.08 -17.50
CA ARG B 198 11.17 -19.43 -17.63
C ARG B 198 9.74 -19.43 -18.16
N GLY B 199 9.25 -18.25 -18.56
CA GLY B 199 7.90 -18.12 -19.04
C GLY B 199 6.87 -18.51 -17.98
N LEU B 200 7.26 -18.39 -16.72
CA LEU B 200 6.38 -18.71 -15.60
C LEU B 200 5.70 -17.45 -15.06
N SER B 202 4.33 -14.34 -13.07
CA SER B 202 5.09 -13.40 -12.25
C SER B 202 4.24 -12.22 -11.76
N ALA B 203 2.95 -12.46 -11.56
CA ALA B 203 2.07 -11.48 -10.94
C ALA B 203 1.84 -11.87 -9.48
N VAL B 204 1.34 -10.93 -8.67
CA VAL B 204 1.31 -11.12 -7.23
C VAL B 204 -0.08 -11.36 -6.63
N GLY B 205 -0.10 -12.03 -5.49
CA GLY B 205 -1.33 -12.26 -4.73
C GLY B 205 -1.53 -11.21 -3.65
N ASP B 206 -2.33 -11.54 -2.65
CA ASP B 206 -2.76 -10.56 -1.64
C ASP B 206 -1.64 -9.94 -0.79
N GLU B 207 -0.60 -10.73 -0.48
CA GLU B 207 0.48 -10.23 0.36
C GLU B 207 1.68 -9.88 -0.48
N GLY B 208 1.45 -9.74 -1.79
CA GLY B 208 2.53 -9.77 -2.75
C GLY B 208 2.82 -11.24 -3.02
N GLY B 209 4.02 -11.54 -3.50
CA GLY B 209 4.41 -12.92 -3.66
C GLY B 209 3.88 -13.55 -4.94
N PHE B 210 4.73 -14.34 -5.58
CA PHE B 210 4.40 -14.96 -6.85
C PHE B 210 3.68 -16.28 -6.65
N ALA B 211 2.87 -16.68 -7.63
CA ALA B 211 2.17 -17.96 -7.56
C ALA B 211 2.31 -18.73 -8.86
N PRO B 212 3.49 -19.30 -9.12
CA PRO B 212 3.73 -20.12 -10.31
C PRO B 212 3.14 -21.51 -10.15
N LEU B 214 3.73 -24.37 -11.25
CA LEU B 214 4.78 -25.12 -10.57
C LEU B 214 4.34 -26.55 -10.22
N PRO B 215 5.20 -27.53 -10.56
CA PRO B 215 4.92 -28.97 -10.42
C PRO B 215 5.58 -29.60 -9.19
N ASN B 216 4.88 -29.58 -8.06
CA ASN B 216 5.32 -30.20 -6.80
C ASN B 216 5.97 -29.21 -5.82
N ASN B 217 5.34 -29.07 -4.65
CA ASN B 217 5.74 -28.08 -3.65
C ASN B 217 7.26 -27.86 -3.53
N GLU B 218 8.03 -28.93 -3.66
CA GLU B 218 9.48 -28.87 -3.53
C GLU B 218 10.12 -27.82 -4.43
N ALA B 219 9.80 -27.88 -5.72
CA ALA B 219 10.42 -27.01 -6.73
C ALA B 219 10.31 -25.53 -6.41
N ALA B 220 9.47 -25.19 -5.44
CA ALA B 220 9.33 -23.80 -5.00
C ALA B 220 10.59 -23.35 -4.25
N PHE B 221 11.07 -24.21 -3.36
CA PHE B 221 12.31 -23.94 -2.63
C PHE B 221 13.50 -23.88 -3.57
N GLU B 222 13.42 -24.61 -4.67
CA GLU B 222 14.49 -24.63 -5.66
C GLU B 222 14.66 -23.28 -6.32
N LEU B 223 13.54 -22.71 -6.78
CA LEU B 223 13.53 -21.38 -7.36
C LEU B 223 14.12 -20.37 -6.39
N ILE B 224 13.67 -20.44 -5.14
CA ILE B 224 14.10 -19.47 -4.13
C ILE B 224 15.60 -19.52 -3.90
N LEU B 225 16.13 -20.72 -3.73
CA LEU B 225 17.56 -20.92 -3.49
C LEU B 225 18.39 -20.43 -4.68
N GLU B 226 17.89 -20.66 -5.89
CA GLU B 226 18.52 -20.09 -7.08
C GLU B 226 18.57 -18.57 -6.93
N ALA B 227 17.44 -17.98 -6.58
CA ALA B 227 17.32 -16.54 -6.45
C ALA B 227 18.31 -16.00 -5.42
N ILE B 228 18.40 -16.69 -4.28
CA ILE B 228 19.29 -16.27 -3.21
C ILE B 228 20.73 -16.21 -3.70
N GLU B 229 21.14 -17.27 -4.39
CA GLU B 229 22.51 -17.36 -4.88
C GLU B 229 22.77 -16.43 -6.07
N ASP B 230 21.76 -16.22 -6.90
CA ASP B 230 21.88 -15.25 -7.99
C ASP B 230 22.21 -13.86 -7.45
N ALA B 231 21.73 -13.57 -6.25
CA ALA B 231 21.92 -12.26 -5.63
C ALA B 231 23.18 -12.22 -4.77
N ASN B 232 23.95 -13.30 -4.80
CA ASN B 232 25.22 -13.38 -4.07
C ASN B 232 25.09 -13.46 -2.56
N TYR B 233 24.01 -14.08 -2.09
CA TYR B 233 23.89 -14.37 -0.67
C TYR B 233 24.05 -15.87 -0.44
N VAL B 234 24.46 -16.24 0.76
CA VAL B 234 24.63 -17.64 1.12
C VAL B 234 23.41 -18.17 1.85
N PRO B 235 22.72 -19.16 1.26
CA PRO B 235 21.50 -19.74 1.80
C PRO B 235 21.71 -20.35 3.19
N GLY B 236 22.96 -20.61 3.54
CA GLY B 236 23.25 -21.12 4.86
C GLY B 236 23.23 -20.05 5.94
N LYS B 237 23.80 -18.89 5.62
CA LYS B 237 24.12 -17.89 6.64
C LYS B 237 23.31 -16.61 6.48
N ASP B 238 23.44 -15.97 5.33
CA ASP B 238 22.78 -14.69 5.07
C ASP B 238 21.26 -14.81 5.13
N ILE B 239 20.72 -15.85 4.50
CA ILE B 239 19.27 -15.95 4.34
C ILE B 239 18.79 -17.39 4.48
N TYR B 240 17.73 -17.58 5.24
CA TYR B 240 17.15 -18.90 5.43
C TYR B 240 15.80 -18.98 4.75
N LEU B 241 15.22 -20.18 4.77
CA LEU B 241 13.86 -20.37 4.29
C LEU B 241 12.95 -20.58 5.48
N ALA B 242 11.69 -20.21 5.31
CA ALA B 242 10.66 -20.56 6.27
C ALA B 242 9.45 -20.95 5.46
N LEU B 243 8.50 -21.64 6.08
CA LEU B 243 7.28 -21.96 5.36
C LEU B 243 6.03 -21.99 6.24
N ASP B 244 4.89 -21.85 5.59
CA ASP B 244 3.59 -21.94 6.25
C ASP B 244 2.81 -23.03 5.54
N ALA B 245 2.80 -24.22 6.15
CA ALA B 245 2.08 -25.35 5.58
C ALA B 245 0.58 -25.10 5.57
N ALA B 246 0.09 -24.35 6.56
CA ALA B 246 -1.34 -24.14 6.73
C ALA B 246 -2.08 -25.46 6.62
N SER B 247 -1.62 -26.45 7.38
CA SER B 247 -2.11 -27.82 7.23
C SER B 247 -3.54 -28.04 7.72
N SER B 248 -4.05 -27.13 8.55
CA SER B 248 -5.45 -27.20 8.96
C SER B 248 -6.33 -27.33 7.72
N GLU B 249 -5.86 -26.72 6.64
CA GLU B 249 -6.62 -26.67 5.39
C GLU B 249 -6.43 -27.93 4.56
N LEU B 250 -5.59 -28.85 5.04
CA LEU B 250 -5.29 -30.06 4.28
C LEU B 250 -5.76 -31.33 5.00
N TYR B 251 -6.45 -31.16 6.13
CA TYR B 251 -6.82 -32.28 6.98
C TYR B 251 -8.09 -32.98 6.50
N GLY B 254 -9.25 -37.49 7.96
CA GLY B 254 -7.98 -37.54 8.63
C GLY B 254 -6.81 -37.63 7.67
N TYR B 256 -4.25 -35.62 5.41
CA TYR B 256 -3.49 -34.53 4.79
C TYR B 256 -3.35 -34.70 3.28
N ASP B 257 -3.92 -33.76 2.54
CA ASP B 257 -4.06 -33.91 1.09
C ASP B 257 -2.80 -33.71 0.26
N ASN B 260 -0.24 -34.13 -1.90
CA ASN B 260 -0.69 -34.61 -3.19
C ASN B 260 -0.57 -36.13 -3.08
N ASN B 261 -1.69 -36.75 -2.70
CA ASN B 261 -1.69 -38.06 -2.08
C ASN B 261 -2.64 -37.95 -0.89
N GLN B 262 -2.61 -38.93 0.00
CA GLN B 262 -3.30 -38.84 1.28
C GLN B 262 -2.37 -39.31 2.39
N LEU B 263 -1.79 -38.36 3.11
CA LEU B 263 -0.81 -38.68 4.14
C LEU B 263 -1.39 -38.66 5.56
N THR B 264 -0.89 -39.55 6.39
CA THR B 264 -1.22 -39.55 7.80
C THR B 264 -0.32 -38.53 8.48
N SER B 265 -0.61 -38.20 9.72
CA SER B 265 0.16 -37.22 10.48
C SER B 265 1.64 -37.57 10.49
N GLU B 266 1.93 -38.85 10.68
CA GLU B 266 3.31 -39.32 10.77
C GLU B 266 4.04 -39.21 9.43
N GLU B 267 3.34 -39.52 8.34
CA GLU B 267 3.92 -39.39 7.01
C GLU B 267 4.12 -37.93 6.66
N ILE B 269 4.80 -35.46 9.01
CA ILE B 269 5.99 -35.13 9.77
C ILE B 269 7.26 -35.59 9.06
N ASP B 270 7.22 -36.80 8.51
CA ASP B 270 8.36 -37.38 7.80
C ASP B 270 8.88 -36.48 6.68
N ARG B 271 7.96 -35.94 5.88
CA ARG B 271 8.33 -35.04 4.79
C ARG B 271 8.90 -33.74 5.35
N LEU B 272 8.27 -33.19 6.38
CA LEU B 272 8.75 -31.98 7.02
C LEU B 272 10.19 -32.20 7.49
N THR B 273 10.42 -33.35 8.11
CA THR B 273 11.74 -33.73 8.58
C THR B 273 12.71 -33.76 7.40
N GLU B 274 12.25 -34.33 6.29
CA GLU B 274 13.05 -34.43 5.07
C GLU B 274 13.51 -33.03 4.61
N TRP B 275 12.55 -32.18 4.28
CA TRP B 275 12.84 -30.84 3.79
C TRP B 275 13.76 -30.06 4.72
N THR B 276 13.53 -30.19 6.03
CA THR B 276 14.36 -29.54 7.04
C THR B 276 15.82 -29.95 6.93
N LYS B 277 16.03 -31.21 6.52
CA LYS B 277 17.37 -31.73 6.33
C LYS B 277 17.95 -31.28 4.98
N LYS B 278 17.10 -31.28 3.96
CA LYS B 278 17.52 -31.00 2.58
C LYS B 278 17.70 -29.51 2.29
N TYR B 279 17.02 -28.67 3.06
CA TYR B 279 17.07 -27.23 2.84
C TYR B 279 17.33 -26.47 4.13
N PRO B 280 17.77 -25.21 4.02
CA PRO B 280 18.01 -24.37 5.20
C PRO B 280 16.72 -23.75 5.71
N VAL B 281 15.77 -24.62 6.09
CA VAL B 281 14.51 -24.21 6.68
C VAL B 281 14.71 -23.88 8.15
N ILE B 282 14.43 -22.65 8.53
CA ILE B 282 14.63 -22.23 9.91
C ILE B 282 13.32 -22.20 10.68
N SER B 283 12.20 -22.24 9.97
CA SER B 283 10.90 -22.11 10.62
C SER B 283 9.78 -22.76 9.80
N ILE B 284 8.86 -23.40 10.52
CA ILE B 284 7.72 -24.06 9.89
C ILE B 284 6.44 -23.68 10.62
N GLU B 285 5.47 -23.16 9.88
CA GLU B 285 4.22 -22.71 10.46
C GLU B 285 3.07 -23.68 10.14
N ASP B 286 2.33 -24.06 11.17
CA ASP B 286 1.19 -24.94 11.02
C ASP B 286 1.50 -26.17 10.16
N GLY B 287 2.55 -26.89 10.55
CA GLY B 287 2.95 -28.10 9.86
C GLY B 287 1.85 -29.13 9.94
N LEU B 288 1.14 -29.14 11.07
CA LEU B 288 0.02 -30.06 11.24
C LEU B 288 -1.26 -29.27 11.50
N SER B 289 -2.38 -29.97 11.51
CA SER B 289 -3.69 -29.34 11.64
C SER B 289 -3.94 -28.83 13.06
N GLU B 290 -4.76 -27.80 13.18
CA GLU B 290 -5.15 -27.27 14.47
C GLU B 290 -6.06 -28.26 15.21
N ASN B 291 -6.49 -29.31 14.50
CA ASN B 291 -7.28 -30.37 15.09
C ASN B 291 -6.48 -31.67 15.20
N ASP B 292 -5.17 -31.54 15.32
CA ASP B 292 -4.27 -32.69 15.35
C ASP B 292 -3.21 -32.51 16.43
N TRP B 293 -3.67 -32.27 17.66
CA TRP B 293 -2.77 -32.01 18.77
C TRP B 293 -1.82 -33.18 19.06
N ALA B 294 -2.29 -34.40 18.80
CA ALA B 294 -1.46 -35.57 19.01
C ALA B 294 -0.33 -35.63 17.99
N GLY B 295 -0.64 -35.22 16.76
CA GLY B 295 0.39 -35.09 15.73
C GLY B 295 1.40 -34.01 16.10
N TRP B 296 0.91 -32.85 16.52
CA TRP B 296 1.78 -31.75 16.92
C TRP B 296 2.76 -32.19 18.00
N LYS B 297 2.31 -33.08 18.87
CA LYS B 297 3.15 -33.57 19.97
C LYS B 297 4.42 -34.22 19.46
N LEU B 298 4.29 -35.14 18.52
CA LEU B 298 5.45 -35.84 17.94
C LEU B 298 6.30 -34.89 17.11
N LEU B 299 5.65 -34.17 16.21
CA LEU B 299 6.34 -33.15 15.41
C LEU B 299 7.26 -32.34 16.32
N THR B 300 6.67 -31.78 17.36
CA THR B 300 7.44 -30.98 18.32
C THR B 300 8.56 -31.81 18.93
N GLU B 301 8.19 -32.92 19.58
CA GLU B 301 9.16 -33.83 20.16
C GLU B 301 10.35 -34.05 19.24
N ARG B 302 10.06 -34.26 17.95
CA ARG B 302 11.08 -34.58 16.97
C ARG B 302 11.98 -33.39 16.59
N LEU B 303 11.38 -32.24 16.29
CA LEU B 303 12.10 -31.14 15.66
C LEU B 303 12.21 -29.84 16.49
N GLU B 304 11.67 -29.86 17.71
CA GLU B 304 11.67 -28.65 18.54
C GLU B 304 13.07 -28.07 18.77
N ASN B 305 14.09 -28.87 18.49
CA ASN B 305 15.47 -28.40 18.67
C ASN B 305 16.18 -28.18 17.34
N LYS B 306 15.52 -28.57 16.25
CA LYS B 306 16.10 -28.47 14.92
C LYS B 306 15.57 -27.27 14.12
N VAL B 307 14.32 -26.89 14.38
CA VAL B 307 13.69 -25.78 13.68
C VAL B 307 12.70 -25.05 14.56
N GLN B 308 12.30 -23.86 14.14
CA GLN B 308 11.21 -23.18 14.81
C GLN B 308 9.90 -23.80 14.35
N LEU B 309 9.08 -24.19 15.31
CA LEU B 309 7.76 -24.71 15.00
C LEU B 309 6.72 -23.67 15.43
N VAL B 310 6.16 -22.98 14.44
CA VAL B 310 5.23 -21.89 14.74
C VAL B 310 3.78 -22.35 14.73
N GLY B 311 3.10 -22.12 15.85
CA GLY B 311 1.66 -22.35 15.92
C GLY B 311 0.89 -21.10 15.53
N ASP B 312 0.02 -21.21 14.52
CA ASP B 312 -0.83 -20.11 14.11
C ASP B 312 -2.31 -20.41 14.39
N ASP B 313 -2.93 -21.19 13.50
CA ASP B 313 -4.34 -21.56 13.65
C ASP B 313 -4.59 -22.32 14.94
N ILE B 314 -3.60 -23.13 15.35
CA ILE B 314 -3.74 -23.96 16.55
C ILE B 314 -3.86 -23.13 17.83
N PHE B 315 -3.27 -21.93 17.85
CA PHE B 315 -3.27 -21.09 19.05
C PHE B 315 -4.17 -19.86 18.93
N VAL B 316 -4.34 -19.38 17.69
CA VAL B 316 -5.10 -18.16 17.41
C VAL B 316 -4.89 -17.00 18.40
N THR B 317 -3.62 -16.75 18.75
CA THR B 317 -3.25 -15.63 19.62
C THR B 317 -4.07 -15.60 20.91
N ASN B 318 -4.55 -16.78 21.31
CA ASN B 318 -5.33 -16.94 22.52
C ASN B 318 -4.46 -17.46 23.66
N PRO B 319 -4.29 -16.65 24.71
CA PRO B 319 -3.40 -16.99 25.83
C PRO B 319 -3.78 -18.29 26.55
N ASP B 320 -5.07 -18.58 26.64
CA ASP B 320 -5.51 -19.82 27.28
C ASP B 320 -5.10 -21.03 26.43
N ILE B 321 -5.32 -20.93 25.12
CA ILE B 321 -4.97 -22.02 24.23
C ILE B 321 -3.45 -22.21 24.18
N LEU B 322 -2.72 -21.11 24.17
CA LEU B 322 -1.26 -21.16 24.21
C LEU B 322 -0.80 -21.85 25.49
N GLU B 323 -1.42 -21.50 26.61
CA GLU B 323 -1.09 -22.09 27.90
C GLU B 323 -1.25 -23.61 27.85
N LYS B 324 -2.31 -24.07 27.20
CA LYS B 324 -2.55 -25.50 27.05
C LYS B 324 -1.52 -26.14 26.12
N GLY B 325 -1.17 -25.40 25.07
CA GLY B 325 -0.16 -25.87 24.14
C GLY B 325 1.17 -26.10 24.84
N ILE B 326 1.56 -25.13 25.66
CA ILE B 326 2.84 -25.18 26.36
C ILE B 326 2.90 -26.37 27.31
N LYS B 327 1.84 -26.54 28.11
CA LYS B 327 1.79 -27.65 29.05
C LYS B 327 1.88 -28.98 28.32
N LYS B 328 1.23 -29.05 27.16
CA LYS B 328 1.16 -30.31 26.42
C LYS B 328 2.29 -30.46 25.39
N ASN B 329 3.26 -29.55 25.44
CA ASN B 329 4.45 -29.66 24.59
C ASN B 329 4.18 -29.42 23.10
N ILE B 330 3.34 -28.43 22.79
CA ILE B 330 2.96 -28.17 21.41
C ILE B 330 3.70 -26.96 20.84
N ALA B 331 4.46 -27.17 19.77
CA ALA B 331 5.19 -26.09 19.07
C ALA B 331 6.26 -25.43 19.95
N ASN B 332 6.95 -24.44 19.40
CA ASN B 332 7.94 -23.69 20.16
C ASN B 332 7.99 -22.21 19.78
N ALA B 333 6.95 -21.78 19.08
CA ALA B 333 6.76 -20.38 18.73
C ALA B 333 5.28 -20.13 18.48
N ILE B 334 4.88 -18.86 18.53
CA ILE B 334 3.50 -18.48 18.27
C ILE B 334 3.41 -17.27 17.34
N LEU B 335 2.51 -17.35 16.37
CA LEU B 335 2.23 -16.23 15.47
C LEU B 335 1.21 -15.31 16.13
N VAL B 336 1.56 -14.04 16.32
CA VAL B 336 0.69 -13.12 17.06
C VAL B 336 -0.10 -12.18 16.16
N LYS B 337 -1.41 -12.37 16.12
CA LYS B 337 -2.32 -11.55 15.31
C LYS B 337 -3.28 -10.78 16.20
N LEU B 338 -3.05 -9.47 16.32
CA LEU B 338 -3.88 -8.60 17.15
C LEU B 338 -5.37 -8.85 17.04
N ASN B 339 -5.89 -8.95 15.83
CA ASN B 339 -7.34 -9.05 15.66
C ASN B 339 -7.91 -10.46 15.84
N GLN B 340 -7.03 -11.46 16.01
CA GLN B 340 -7.49 -12.81 16.31
C GLN B 340 -8.00 -12.89 17.74
N ILE B 341 -7.46 -12.02 18.60
CA ILE B 341 -7.87 -12.02 20.01
C ILE B 341 -8.77 -10.81 20.33
N GLY B 342 -8.42 -9.63 19.81
CA GLY B 342 -9.35 -8.52 19.82
C GLY B 342 -9.01 -7.28 20.63
N THR B 343 -8.02 -7.38 21.51
CA THR B 343 -7.60 -6.21 22.29
C THR B 343 -6.09 -6.16 22.40
N LEU B 344 -5.57 -4.97 22.68
CA LEU B 344 -4.14 -4.79 22.86
C LEU B 344 -3.68 -5.50 24.13
N THR B 345 -4.44 -5.33 25.21
CA THR B 345 -4.08 -5.94 26.50
C THR B 345 -4.00 -7.45 26.40
N GLU B 346 -4.98 -8.07 25.76
CA GLU B 346 -4.98 -9.53 25.60
C GLU B 346 -3.82 -10.00 24.73
N THR B 347 -3.50 -9.22 23.69
CA THR B 347 -2.40 -9.55 22.80
C THR B 347 -1.07 -9.52 23.56
N LEU B 348 -0.87 -8.49 24.37
CA LEU B 348 0.34 -8.36 25.18
C LEU B 348 0.47 -9.49 26.21
N ALA B 349 -0.67 -10.04 26.62
CA ALA B 349 -0.67 -11.16 27.55
C ALA B 349 -0.13 -12.40 26.85
N THR B 350 -0.60 -12.63 25.63
CA THR B 350 -0.12 -13.75 24.83
C THR B 350 1.37 -13.64 24.60
N VAL B 351 1.81 -12.46 24.19
CA VAL B 351 3.23 -12.21 23.96
C VAL B 351 4.04 -12.49 25.23
N GLY B 352 3.56 -12.00 26.37
CA GLY B 352 4.25 -12.16 27.63
C GLY B 352 4.32 -13.60 28.08
N LEU B 353 3.23 -14.32 27.91
CA LEU B 353 3.19 -15.74 28.22
C LEU B 353 4.16 -16.53 27.35
N ALA B 354 4.20 -16.20 26.06
CA ALA B 354 5.09 -16.88 25.14
C ALA B 354 6.55 -16.67 25.55
N LYS B 355 6.91 -15.42 25.77
CA LYS B 355 8.26 -15.06 26.18
C LYS B 355 8.65 -15.73 27.49
N SER B 356 7.74 -15.75 28.45
CA SER B 356 7.97 -16.41 29.73
C SER B 356 8.39 -17.86 29.57
N ASN B 357 7.93 -18.50 28.49
CA ASN B 357 8.09 -19.94 28.32
C ASN B 357 9.01 -20.37 27.18
N LYS B 358 9.90 -19.48 26.76
CA LYS B 358 10.90 -19.81 25.75
C LYS B 358 10.31 -20.05 24.37
N TYR B 359 9.10 -19.54 24.14
CA TYR B 359 8.48 -19.63 22.82
C TYR B 359 8.81 -18.41 21.98
N GLY B 360 9.09 -18.63 20.70
CA GLY B 360 9.29 -17.54 19.78
C GLY B 360 8.01 -16.74 19.58
N VAL B 361 8.17 -15.46 19.29
CA VAL B 361 7.03 -14.58 19.06
C VAL B 361 7.15 -13.93 17.69
N ILE B 362 6.17 -14.18 16.84
CA ILE B 362 6.16 -13.56 15.52
C ILE B 362 4.94 -12.66 15.39
N ILE B 363 5.17 -11.34 15.40
CA ILE B 363 4.09 -10.38 15.17
C ILE B 363 3.69 -10.45 13.71
N SER B 364 2.41 -10.69 13.46
CA SER B 364 1.96 -11.01 12.11
C SER B 364 0.95 -10.03 11.53
N HIS B 365 1.01 -9.85 10.21
CA HIS B 365 -0.03 -9.13 9.48
C HIS B 365 -1.19 -10.07 9.21
N ARG B 366 -2.22 -9.56 8.53
CA ARG B 366 -3.31 -10.38 8.02
C ARG B 366 -3.37 -10.24 6.49
N SER B 367 -4.11 -11.13 5.84
CA SER B 367 -4.30 -11.08 4.40
C SER B 367 -4.81 -9.74 3.92
N GLY B 368 -5.87 -9.26 4.57
CA GLY B 368 -6.41 -7.95 4.27
C GLY B 368 -5.79 -6.95 5.22
N GLU B 369 -4.83 -6.19 4.73
CA GLU B 369 -4.13 -5.21 5.57
C GLU B 369 -4.58 -3.79 5.22
N THR B 370 -4.08 -2.83 6.00
CA THR B 370 -4.27 -1.41 5.71
C THR B 370 -2.94 -0.68 5.81
N GLU B 371 -2.94 0.62 5.55
CA GLU B 371 -1.74 1.43 5.66
C GLU B 371 -1.30 1.62 7.11
N ASP B 372 -2.08 1.09 8.05
CA ASP B 372 -1.75 1.10 9.47
C ASP B 372 -0.47 0.31 9.75
N THR B 373 0.43 0.86 10.56
CA THR B 373 1.75 0.24 10.78
C THR B 373 1.99 -0.20 12.22
N THR B 374 0.90 -0.49 12.93
CA THR B 374 0.96 -0.84 14.35
C THR B 374 1.88 -2.02 14.66
N ILE B 375 1.84 -3.06 13.84
CA ILE B 375 2.65 -4.25 14.13
C ILE B 375 4.15 -3.97 14.12
N ALA B 376 4.58 -2.97 13.37
CA ALA B 376 5.99 -2.57 13.39
C ALA B 376 6.39 -2.08 14.79
N ASP B 377 5.66 -1.11 15.31
CA ASP B 377 5.95 -0.57 16.63
C ASP B 377 5.80 -1.64 17.70
N LEU B 378 4.80 -2.49 17.52
CA LEU B 378 4.52 -3.55 18.48
C LEU B 378 5.67 -4.54 18.56
N ALA B 379 6.22 -4.92 17.41
CA ALA B 379 7.31 -5.88 17.37
C ALA B 379 8.56 -5.31 18.03
N VAL B 380 8.73 -4.00 17.88
CA VAL B 380 9.87 -3.32 18.46
C VAL B 380 9.72 -3.16 19.98
N ALA B 381 8.57 -2.64 20.40
CA ALA B 381 8.30 -2.38 21.81
C ALA B 381 8.28 -3.64 22.67
N THR B 382 7.94 -4.78 22.08
CA THR B 382 7.87 -6.02 22.84
C THR B 382 9.15 -6.83 22.73
N ASP B 383 10.12 -6.34 21.96
CA ASP B 383 11.34 -7.10 21.74
C ASP B 383 10.96 -8.50 21.27
N ALA B 384 9.98 -8.56 20.35
CA ALA B 384 9.50 -9.84 19.84
C ALA B 384 10.58 -10.54 19.01
N ARG B 385 11.31 -9.75 18.23
CA ARG B 385 12.47 -10.22 17.47
C ARG B 385 12.15 -10.85 16.13
N GLN B 386 10.85 -11.00 15.85
CA GLN B 386 10.41 -11.57 14.58
C GLN B 386 9.13 -10.92 14.11
N ILE B 387 9.00 -10.77 12.80
CA ILE B 387 7.80 -10.19 12.22
C ILE B 387 7.47 -10.86 10.90
N LYS B 388 6.19 -11.06 10.65
CA LYS B 388 5.72 -11.56 9.38
C LYS B 388 4.76 -10.54 8.80
N THR B 389 5.21 -9.82 7.79
CA THR B 389 4.40 -8.74 7.24
C THR B 389 4.40 -8.67 5.71
N GLY B 390 4.66 -9.81 5.06
CA GLY B 390 4.38 -9.97 3.65
C GLY B 390 5.54 -9.91 2.67
N SER B 391 5.24 -10.15 1.40
CA SER B 391 6.23 -10.03 0.31
C SER B 391 6.78 -8.61 0.20
N LEU B 392 7.59 -8.34 -0.82
CA LEU B 392 8.26 -7.03 -0.92
C LEU B 392 7.69 -6.03 -1.92
N CYS B 393 6.46 -6.27 -2.36
CA CYS B 393 5.70 -5.26 -3.09
C CYS B 393 4.37 -5.02 -2.39
N ARG B 394 3.63 -4.01 -2.84
CA ARG B 394 2.38 -3.62 -2.19
C ARG B 394 2.71 -2.85 -0.91
N SER B 395 2.26 -1.61 -0.83
CA SER B 395 2.53 -0.78 0.33
C SER B 395 1.76 -1.27 1.56
N ASP B 396 0.72 -2.05 1.33
CA ASP B 396 0.05 -2.71 2.45
C ASP B 396 1.08 -3.49 3.24
N ARG B 397 2.16 -3.88 2.56
CA ARG B 397 3.24 -4.60 3.20
C ARG B 397 4.41 -3.66 3.44
N VAL B 398 4.81 -2.96 2.39
CA VAL B 398 6.03 -2.17 2.41
C VAL B 398 5.97 -1.00 3.40
N ALA B 399 4.78 -0.44 3.60
CA ALA B 399 4.65 0.63 4.59
C ALA B 399 5.13 0.15 5.96
N LYS B 400 4.93 -1.13 6.25
CA LYS B 400 5.34 -1.67 7.54
C LYS B 400 6.86 -1.71 7.62
N TYR B 401 7.51 -2.11 6.52
CA TYR B 401 8.96 -2.15 6.46
C TYR B 401 9.54 -0.74 6.55
N ASN B 402 8.90 0.22 5.88
CA ASN B 402 9.35 1.60 5.96
C ASN B 402 9.25 2.15 7.37
N ARG B 403 8.18 1.79 8.09
CA ARG B 403 8.04 2.19 9.48
C ARG B 403 9.18 1.63 10.33
N LEU B 404 9.56 0.38 10.07
CA LEU B 404 10.69 -0.24 10.78
C LEU B 404 12.01 0.43 10.40
N LEU B 405 12.10 0.91 9.16
CA LEU B 405 13.26 1.71 8.77
C LEU B 405 13.35 2.97 9.63
N GLN B 406 12.22 3.65 9.79
CA GLN B 406 12.17 4.87 10.58
C GLN B 406 12.56 4.59 12.03
N ILE B 407 11.96 3.57 12.61
CA ILE B 407 12.22 3.21 14.00
C ILE B 407 13.69 2.88 14.25
N GLU B 408 14.27 2.06 13.38
CA GLU B 408 15.68 1.71 13.52
C GLU B 408 16.57 2.96 13.48
N ARG B 409 16.24 3.88 12.57
CA ARG B 409 17.02 5.10 12.44
C ARG B 409 16.79 6.07 13.59
N GLU B 410 15.68 5.90 14.29
CA GLU B 410 15.41 6.70 15.48
C GLU B 410 16.10 6.14 16.73
N LEU B 411 16.06 4.82 16.90
CA LEU B 411 16.62 4.15 18.07
C LEU B 411 18.09 3.81 17.88
N ASN B 412 18.49 3.65 16.62
CA ASN B 412 19.87 3.33 16.27
C ASN B 412 20.46 2.19 17.09
N ASP B 413 21.46 2.52 17.89
CA ASP B 413 22.22 1.52 18.65
C ASP B 413 21.40 0.75 19.68
N GLN B 414 20.36 1.38 20.23
CA GLN B 414 19.57 0.73 21.26
C GLN B 414 18.39 -0.09 20.74
N ALA B 415 18.33 -0.27 19.43
CA ALA B 415 17.44 -1.25 18.82
C ALA B 415 18.25 -2.13 17.89
N PRO B 416 19.08 -3.02 18.46
CA PRO B 416 19.92 -3.88 17.64
C PRO B 416 19.08 -4.90 16.86
N TYR B 417 19.48 -5.19 15.62
CA TYR B 417 18.79 -6.19 14.81
C TYR B 417 18.94 -7.56 15.46
N ALA B 418 17.82 -8.22 15.71
CA ALA B 418 17.79 -9.47 16.46
C ALA B 418 18.72 -10.53 15.88
N GLY B 419 18.71 -10.67 14.57
CA GLY B 419 19.56 -11.63 13.88
C GLY B 419 19.34 -13.06 14.36
N LYS B 420 20.44 -13.77 14.63
CA LYS B 420 20.37 -15.13 15.14
C LYS B 420 19.68 -15.20 16.48
N GLU B 421 19.76 -14.11 17.25
CA GLU B 421 19.22 -14.06 18.60
C GLU B 421 17.69 -14.11 18.64
N ALA B 422 17.07 -13.91 17.47
CA ALA B 422 15.61 -14.02 17.38
C ALA B 422 15.15 -15.44 17.69
N PHE B 423 15.98 -16.42 17.35
CA PHE B 423 15.57 -17.82 17.41
C PHE B 423 16.08 -18.54 18.67
N LEU B 424 15.14 -18.97 19.51
CA LEU B 424 15.47 -19.56 20.81
C LEU B 424 15.63 -21.08 20.78
N PHE B 425 14.93 -21.73 19.84
CA PHE B 425 14.94 -23.18 19.78
C PHE B 425 16.36 -23.74 19.79
#